data_2XWG
#
_entry.id   2XWG
#
_cell.length_a   104.070
_cell.length_b   108.230
_cell.length_c   143.200
_cell.angle_alpha   90.00
_cell.angle_beta   90.00
_cell.angle_gamma   90.00
#
_symmetry.space_group_name_H-M   'P 21 21 21'
#
loop_
_entity.id
_entity.type
_entity.pdbx_description
1 polymer SORTASE
2 non-polymer 'CALCIUM ION'
3 water water
#
_entity_poly.entity_id   1
_entity_poly.type   'polypeptide(L)'
_entity_poly.pdbx_seq_one_letter_code
;MKHHHHHHPMSDYDIPTTENLYFQGAMATQHNNDEQQRLAKMYTATVNSAGPETIAKERASAETYNNNLESAPILDPWLE
SQRPDTPQYQAYLHEMDIDPVMARIVIPSIHVSLPIYHGTDSRTLTEGVGHLFGTSLPVGGPSTHSVLTGHTGLSTATMF
DNLNQLKKGDVFYVSSLGQTLKYEVNDITVVKPEETDSLRKVPGRDLVTLITCTPYGVNSHRLLVTGERVPMDPT
;
_entity_poly.pdbx_strand_id   A,B,C,D,E
#
loop_
_chem_comp.id
_chem_comp.type
_chem_comp.name
_chem_comp.formula
CA non-polymer 'CALCIUM ION' 'Ca 2'
#
# COMPACT_ATOMS: atom_id res chain seq x y z
N PRO A 52 -3.97 -5.15 8.60
CA PRO A 52 -4.70 -4.36 7.59
C PRO A 52 -6.24 -4.31 7.84
N GLU A 53 -6.74 -3.16 8.27
CA GLU A 53 -5.91 -2.00 8.51
C GLU A 53 -5.57 -1.85 10.00
N THR A 54 -4.48 -2.52 10.39
CA THR A 54 -3.75 -2.26 11.61
C THR A 54 -2.50 -1.54 11.09
N ILE A 55 -2.35 -1.59 9.78
CA ILE A 55 -1.31 -0.81 9.16
C ILE A 55 -1.68 0.67 9.23
N ALA A 56 -2.94 0.99 9.54
CA ALA A 56 -3.30 2.39 9.75
C ALA A 56 -2.85 2.88 11.12
N LYS A 57 -2.90 2.00 12.10
CA LYS A 57 -2.41 2.38 13.42
C LYS A 57 -0.90 2.62 13.32
N GLU A 58 -0.21 1.69 12.66
CA GLU A 58 1.24 1.76 12.50
C GLU A 58 1.67 3.04 11.82
N ARG A 59 0.88 3.50 10.87
CA ARG A 59 1.24 4.72 10.20
C ARG A 59 1.05 5.96 11.08
N ALA A 60 -0.07 6.00 11.80
CA ALA A 60 -0.36 7.14 12.66
C ALA A 60 0.67 7.23 13.79
N SER A 61 1.09 6.08 14.28
CA SER A 61 2.13 6.04 15.30
C SER A 61 3.47 6.52 14.71
N ALA A 62 3.78 6.07 13.50
CA ALA A 62 4.95 6.54 12.80
C ALA A 62 4.91 8.06 12.73
N GLU A 63 3.77 8.61 12.33
CA GLU A 63 3.68 10.07 12.15
C GLU A 63 3.76 10.79 13.50
N THR A 64 3.21 10.16 14.53
CA THR A 64 3.39 10.71 15.87
C THR A 64 4.88 10.72 16.21
N TYR A 65 5.57 9.60 16.00
CA TYR A 65 7.03 9.53 16.21
C TYR A 65 7.77 10.72 15.57
N ASN A 66 7.55 10.92 14.28
CA ASN A 66 8.20 12.03 13.58
C ASN A 66 7.94 13.36 14.25
N ASN A 67 6.71 13.56 14.69
CA ASN A 67 6.27 14.82 15.29
C ASN A 67 6.77 15.06 16.72
N ASN A 68 7.01 13.98 17.46
CA ASN A 68 7.66 14.11 18.77
C ASN A 68 9.19 14.03 18.67
N LEU A 69 9.69 13.78 17.46
CA LEU A 69 11.13 13.64 17.26
C LEU A 69 11.83 14.95 17.59
N GLU A 70 12.84 14.87 18.45
CA GLU A 70 13.56 16.03 18.93
C GLU A 70 14.90 16.22 18.25
N SER A 71 15.10 17.39 17.64
CA SER A 71 16.37 17.77 17.03
C SER A 71 17.55 17.51 17.98
N ALA A 72 18.68 17.06 17.42
CA ALA A 72 19.81 16.63 18.22
C ALA A 72 21.07 16.53 17.35
N PRO A 73 22.19 16.08 17.94
CA PRO A 73 23.34 15.83 17.08
C PRO A 73 23.12 14.53 16.33
N ILE A 74 23.23 14.55 15.00
CA ILE A 74 23.29 13.31 14.23
C ILE A 74 24.72 13.02 13.79
N LEU A 75 25.28 11.94 14.32
CA LEU A 75 26.64 11.51 14.01
C LEU A 75 26.69 10.74 12.67
N ASP A 76 27.85 10.70 12.02
CA ASP A 76 28.02 9.91 10.79
C ASP A 76 27.51 8.46 10.95
N PRO A 77 26.82 7.95 9.92
CA PRO A 77 26.32 6.55 9.99
C PRO A 77 27.42 5.52 10.19
N TRP A 78 28.65 5.81 9.77
CA TRP A 78 29.74 4.84 9.82
C TRP A 78 30.68 5.01 11.00
N LEU A 79 30.40 5.98 11.86
CA LEU A 79 31.18 6.14 13.07
C LEU A 79 31.06 4.86 13.88
N GLU A 80 29.84 4.62 14.34
CA GLU A 80 29.51 3.45 15.13
C GLU A 80 29.14 2.25 14.24
N SER A 81 29.63 1.07 14.58
CA SER A 81 29.31 -0.11 13.77
C SER A 81 28.30 -1.02 14.47
N GLN A 82 28.07 -0.79 15.76
CA GLN A 82 27.20 -1.67 16.55
C GLN A 82 25.84 -1.05 16.78
N ARG A 83 24.84 -1.88 17.05
CA ARG A 83 23.53 -1.38 17.44
C ARG A 83 23.66 -0.61 18.77
N PRO A 84 23.06 0.59 18.87
CA PRO A 84 23.08 1.20 20.20
C PRO A 84 22.20 0.41 21.22
N ASP A 85 22.34 0.75 22.48
CA ASP A 85 21.61 0.03 23.51
C ASP A 85 21.00 1.03 24.48
N THR A 86 19.85 1.59 24.09
CA THR A 86 19.23 2.65 24.88
C THR A 86 17.72 2.46 24.88
N PRO A 87 17.04 3.07 25.86
CA PRO A 87 15.58 2.98 25.91
C PRO A 87 14.93 3.63 24.69
N GLN A 88 15.45 4.76 24.24
CA GLN A 88 14.93 5.46 23.07
C GLN A 88 15.06 4.59 21.83
N TYR A 89 16.21 3.94 21.68
CA TYR A 89 16.44 3.07 20.54
C TYR A 89 15.49 1.89 20.55
N GLN A 90 15.19 1.37 21.73
CA GLN A 90 14.24 0.28 21.82
C GLN A 90 12.88 0.81 21.47
N ALA A 91 12.58 2.04 21.86
CA ALA A 91 11.27 2.59 21.54
C ALA A 91 11.14 2.68 20.03
N TYR A 92 12.25 2.98 19.39
CA TYR A 92 12.30 3.21 17.95
C TYR A 92 12.08 1.89 17.22
N LEU A 93 12.65 0.82 17.75
CA LEU A 93 12.50 -0.49 17.14
C LEU A 93 11.04 -0.89 17.00
N HIS A 94 10.18 -0.28 17.81
CA HIS A 94 8.77 -0.63 17.80
C HIS A 94 8.04 0.11 16.68
N GLU A 95 8.62 1.17 16.16
CA GLU A 95 7.96 1.87 15.07
C GLU A 95 8.13 1.10 13.77
N MET A 96 7.12 1.16 12.93
CA MET A 96 7.15 0.50 11.62
C MET A 96 7.67 -0.94 11.69
N ASP A 97 7.08 -1.74 12.59
CA ASP A 97 7.60 -3.09 12.88
C ASP A 97 6.65 -4.24 12.52
N ILE A 98 5.65 -3.97 11.69
CA ILE A 98 4.76 -5.03 11.23
C ILE A 98 5.53 -6.13 10.51
N ASP A 99 6.34 -5.75 9.52
CA ASP A 99 7.22 -6.67 8.79
C ASP A 99 8.65 -6.45 9.24
N PRO A 100 9.54 -7.38 8.88
CA PRO A 100 10.94 -7.19 9.30
C PRO A 100 11.59 -6.09 8.47
N VAL A 101 11.02 -5.82 7.30
CA VAL A 101 11.44 -4.71 6.46
C VAL A 101 10.68 -3.44 6.82
N MET A 102 11.37 -2.36 7.16
CA MET A 102 10.68 -1.12 7.50
C MET A 102 10.02 -0.48 6.27
N ALA A 103 10.73 -0.50 5.15
CA ALA A 103 10.24 0.13 3.91
C ALA A 103 11.07 -0.35 2.72
N ARG A 104 10.71 0.11 1.53
CA ARG A 104 11.44 -0.26 0.33
C ARG A 104 11.75 0.97 -0.52
N ILE A 105 12.91 0.97 -1.18
CA ILE A 105 13.26 2.10 -2.04
C ILE A 105 13.63 1.61 -3.41
N VAL A 106 13.18 2.33 -4.42
CA VAL A 106 13.50 2.00 -5.79
C VAL A 106 13.95 3.28 -6.46
N ILE A 107 15.15 3.25 -7.04
CA ILE A 107 15.73 4.40 -7.75
C ILE A 107 15.94 3.87 -9.13
N PRO A 108 14.91 3.97 -9.97
CA PRO A 108 14.87 3.19 -11.21
C PRO A 108 16.08 3.45 -12.03
N SER A 109 16.47 4.71 -12.18
CA SER A 109 17.47 5.08 -13.18
C SER A 109 18.87 4.61 -12.84
N ILE A 110 19.04 4.09 -11.63
CA ILE A 110 20.28 3.39 -11.28
C ILE A 110 20.04 1.94 -10.80
N HIS A 111 18.84 1.44 -11.08
CA HIS A 111 18.55 0.03 -10.84
C HIS A 111 18.75 -0.36 -9.39
N VAL A 112 18.43 0.56 -8.48
CA VAL A 112 18.42 0.23 -7.07
C VAL A 112 17.01 -0.13 -6.64
N SER A 113 16.85 -1.35 -6.13
CA SER A 113 15.60 -1.83 -5.54
C SER A 113 15.93 -2.59 -4.26
N LEU A 114 15.80 -1.93 -3.11
CA LEU A 114 16.31 -2.46 -1.85
C LEU A 114 15.33 -2.28 -0.68
N PRO A 115 15.38 -3.20 0.32
CA PRO A 115 14.67 -3.11 1.58
C PRO A 115 15.37 -2.15 2.51
N ILE A 116 14.63 -1.53 3.43
CA ILE A 116 15.14 -0.58 4.41
C ILE A 116 14.89 -1.15 5.80
N TYR A 117 15.91 -1.13 6.65
CA TYR A 117 15.80 -1.67 7.99
C TYR A 117 16.14 -0.60 9.01
N HIS A 118 15.69 -0.84 10.25
CA HIS A 118 16.02 0.03 11.38
C HIS A 118 17.52 0.05 11.59
N GLY A 119 18.09 1.24 11.77
CA GLY A 119 19.46 1.38 12.22
C GLY A 119 20.55 1.30 11.15
N THR A 120 21.79 1.56 11.56
CA THR A 120 22.90 1.56 10.62
C THR A 120 24.12 0.81 11.14
N ASP A 121 23.87 -0.19 11.98
CA ASP A 121 24.94 -1.04 12.42
C ASP A 121 25.50 -1.79 11.23
N SER A 122 26.70 -2.31 11.36
CA SER A 122 27.39 -2.95 10.25
C SER A 122 26.59 -4.15 9.70
N ARG A 123 25.95 -4.93 10.55
CA ARG A 123 25.19 -6.08 10.07
C ARG A 123 24.05 -5.62 9.18
N THR A 124 23.35 -4.57 9.63
CA THR A 124 22.20 -4.02 8.89
C THR A 124 22.56 -3.55 7.49
N LEU A 125 23.66 -2.80 7.37
CA LEU A 125 24.07 -2.28 6.07
C LEU A 125 24.62 -3.36 5.13
N THR A 126 24.96 -4.51 5.67
CA THR A 126 25.28 -5.68 4.85
C THR A 126 24.00 -6.30 4.27
N GLU A 127 22.87 -6.07 4.94
CA GLU A 127 21.60 -6.65 4.58
C GLU A 127 20.71 -5.78 3.67
N GLY A 128 20.90 -4.46 3.71
CA GLY A 128 20.18 -3.56 2.82
C GLY A 128 20.43 -2.09 3.12
N VAL A 129 19.44 -1.25 2.87
CA VAL A 129 19.57 0.14 3.22
C VAL A 129 19.22 0.31 4.70
N GLY A 130 20.06 1.02 5.45
CA GLY A 130 19.81 1.23 6.86
C GLY A 130 19.23 2.61 7.09
N HIS A 131 18.26 2.71 7.98
CA HIS A 131 17.66 3.99 8.28
C HIS A 131 18.31 4.63 9.51
N LEU A 132 18.62 5.93 9.39
CA LEU A 132 19.44 6.58 10.39
C LEU A 132 18.67 6.98 11.65
N PHE A 133 18.84 6.20 12.71
CA PHE A 133 18.22 6.48 13.99
C PHE A 133 18.54 7.91 14.39
N GLY A 134 17.50 8.67 14.68
CA GLY A 134 17.67 10.09 14.95
C GLY A 134 16.96 10.90 13.90
N THR A 135 16.72 10.31 12.74
CA THR A 135 16.03 11.03 11.66
C THR A 135 14.58 10.53 11.54
N SER A 136 13.78 11.23 10.74
CA SER A 136 12.38 10.90 10.58
C SER A 136 12.21 9.53 9.94
N LEU A 137 11.25 8.76 10.42
CA LEU A 137 10.88 7.51 9.78
C LEU A 137 10.42 7.78 8.36
N PRO A 138 10.67 6.84 7.43
CA PRO A 138 10.31 7.10 6.02
C PRO A 138 8.82 6.91 5.71
N VAL A 139 7.98 7.78 6.26
CA VAL A 139 6.54 7.77 5.97
C VAL A 139 6.15 9.14 5.41
N GLY A 140 7.14 9.94 5.06
CA GLY A 140 6.85 11.23 4.47
C GLY A 140 6.05 12.14 5.39
N GLY A 141 5.54 13.23 4.83
CA GLY A 141 4.76 14.16 5.63
C GLY A 141 5.59 15.38 5.93
N PRO A 142 5.00 16.36 6.63
CA PRO A 142 5.60 17.70 6.72
C PRO A 142 6.57 17.83 7.89
N SER A 143 7.58 18.67 7.74
CA SER A 143 8.63 18.76 8.76
C SER A 143 9.26 17.40 9.01
N THR A 144 9.59 16.69 7.93
CA THR A 144 10.24 15.40 8.07
C THR A 144 11.44 15.35 7.14
N HIS A 145 12.51 14.80 7.66
CA HIS A 145 13.71 14.58 6.88
C HIS A 145 14.27 13.22 7.24
N SER A 146 13.98 12.25 6.38
CA SER A 146 14.37 10.87 6.62
C SER A 146 15.69 10.60 5.91
N VAL A 147 16.64 10.00 6.63
CA VAL A 147 17.97 9.77 6.08
C VAL A 147 18.22 8.28 5.88
N LEU A 148 18.44 7.87 4.63
CA LEU A 148 18.61 6.46 4.29
C LEU A 148 20.04 6.20 3.86
N THR A 149 20.66 5.18 4.48
CA THR A 149 22.09 4.91 4.43
C THR A 149 22.42 3.64 3.66
N GLY A 150 23.46 3.69 2.82
CA GLY A 150 23.84 2.53 2.02
C GLY A 150 25.32 2.54 1.65
N HIS A 151 25.96 1.38 1.70
CA HIS A 151 27.38 1.24 1.38
C HIS A 151 27.67 1.64 -0.04
N THR A 152 28.92 2.06 -0.26
CA THR A 152 29.57 2.02 -1.57
C THR A 152 30.78 1.15 -1.34
N GLY A 153 31.04 0.21 -2.27
CA GLY A 153 32.24 -0.61 -2.21
C GLY A 153 32.20 -1.95 -1.45
N LEU A 154 31.03 -2.33 -0.98
CA LEU A 154 30.94 -3.56 -0.18
C LEU A 154 31.45 -4.72 -1.05
N SER A 155 31.29 -4.56 -2.36
CA SER A 155 31.65 -5.56 -3.39
C SER A 155 30.76 -6.84 -3.46
N THR A 156 30.51 -7.48 -2.32
CA THR A 156 29.60 -8.62 -2.30
C THR A 156 28.16 -8.18 -2.47
N ALA A 157 27.92 -6.88 -2.60
CA ALA A 157 26.60 -6.35 -2.92
C ALA A 157 26.74 -4.90 -3.37
N THR A 158 25.99 -4.52 -4.39
CA THR A 158 26.11 -3.20 -4.99
C THR A 158 25.60 -2.07 -4.07
N MET A 159 24.52 -2.34 -3.34
CA MET A 159 23.92 -1.34 -2.45
C MET A 159 23.79 -0.01 -3.16
N PHE A 160 24.46 1.02 -2.64
CA PHE A 160 24.34 2.41 -3.16
C PHE A 160 25.57 2.85 -3.98
N ASP A 161 26.27 1.87 -4.55
CA ASP A 161 27.49 2.15 -5.31
C ASP A 161 27.24 3.28 -6.31
N ASN A 162 26.12 3.19 -7.00
CA ASN A 162 25.89 4.09 -8.11
C ASN A 162 25.09 5.32 -7.76
N LEU A 163 25.09 5.67 -6.48
CA LEU A 163 24.44 6.91 -6.08
C LEU A 163 25.06 8.08 -6.85
N ASN A 164 26.37 7.99 -7.13
CA ASN A 164 27.08 9.03 -7.89
C ASN A 164 26.69 9.18 -9.36
N GLN A 165 25.62 8.53 -9.82
CA GLN A 165 25.15 8.74 -11.19
C GLN A 165 23.89 9.60 -11.21
N LEU A 166 23.31 9.77 -10.03
CA LEU A 166 22.10 10.57 -9.91
C LEU A 166 22.39 12.04 -10.17
N LYS A 167 21.45 12.75 -10.80
CA LYS A 167 21.49 14.21 -10.84
C LYS A 167 20.13 14.82 -10.50
N LYS A 168 20.06 16.15 -10.41
CA LYS A 168 18.82 16.82 -10.03
C LYS A 168 17.68 16.47 -11.00
N GLY A 169 16.45 16.39 -10.50
CA GLY A 169 15.33 15.97 -11.32
C GLY A 169 15.18 14.45 -11.45
N ASP A 170 16.21 13.71 -11.05
CA ASP A 170 16.07 12.26 -10.95
C ASP A 170 15.09 11.92 -9.83
N VAL A 171 14.44 10.78 -9.99
CA VAL A 171 13.29 10.45 -9.17
C VAL A 171 13.58 9.18 -8.39
N PHE A 172 13.12 9.12 -7.14
CA PHE A 172 13.03 7.85 -6.40
C PHE A 172 11.73 7.72 -5.62
N TYR A 173 11.41 6.49 -5.23
CA TYR A 173 10.15 6.19 -4.56
C TYR A 173 10.40 5.42 -3.31
N VAL A 174 9.76 5.80 -2.22
CA VAL A 174 9.87 5.08 -0.97
C VAL A 174 8.50 4.51 -0.56
N SER A 175 8.31 3.19 -0.69
CA SER A 175 7.07 2.53 -0.27
C SER A 175 7.10 1.96 1.15
N SER A 176 6.06 2.24 1.93
CA SER A 176 5.91 1.66 3.26
C SER A 176 4.48 1.81 3.72
N LEU A 177 4.03 0.90 4.58
CA LEU A 177 2.69 0.98 5.16
C LEU A 177 1.63 1.35 4.10
N GLY A 178 1.55 0.55 3.03
CA GLY A 178 0.53 0.71 2.03
C GLY A 178 0.57 1.93 1.15
N GLN A 179 1.69 2.65 1.16
CA GLN A 179 1.72 3.93 0.50
C GLN A 179 3.06 4.26 -0.16
N THR A 180 3.04 4.73 -1.40
CA THR A 180 4.28 4.97 -2.14
C THR A 180 4.55 6.47 -2.25
N LEU A 181 5.74 6.88 -1.81
CA LEU A 181 6.10 8.28 -1.76
C LEU A 181 7.07 8.61 -2.90
N LYS A 182 6.71 9.55 -3.78
CA LYS A 182 7.62 9.96 -4.83
C LYS A 182 8.46 11.15 -4.37
N TYR A 183 9.79 11.04 -4.46
CA TYR A 183 10.70 12.17 -4.23
C TYR A 183 11.47 12.54 -5.50
N GLU A 184 11.77 13.83 -5.67
CA GLU A 184 12.57 14.28 -6.80
C GLU A 184 13.89 14.86 -6.25
N VAL A 185 15.02 14.48 -6.85
CA VAL A 185 16.32 14.92 -6.36
C VAL A 185 16.54 16.41 -6.62
N ASN A 186 16.83 17.17 -5.59
CA ASN A 186 17.03 18.60 -5.78
C ASN A 186 18.26 19.16 -5.07
N ASP A 187 19.16 18.29 -4.64
CA ASP A 187 20.40 18.73 -4.02
C ASP A 187 21.39 17.58 -3.89
N ILE A 188 22.57 17.78 -4.47
CA ILE A 188 23.64 16.80 -4.40
C ILE A 188 24.88 17.49 -3.90
N THR A 189 25.66 16.80 -3.09
CA THR A 189 26.63 17.46 -2.23
C THR A 189 27.61 16.46 -1.63
N VAL A 190 28.91 16.71 -1.78
CA VAL A 190 29.91 15.87 -1.13
C VAL A 190 30.29 16.58 0.15
N VAL A 191 30.83 15.88 1.12
CA VAL A 191 30.88 16.44 2.46
C VAL A 191 31.78 15.60 3.34
N LYS A 192 32.29 16.18 4.42
CA LYS A 192 33.14 15.44 5.34
C LYS A 192 32.24 14.72 6.34
N PRO A 193 32.71 13.57 6.85
CA PRO A 193 31.98 12.72 7.80
C PRO A 193 31.35 13.47 8.97
N GLU A 194 32.06 14.47 9.47
CA GLU A 194 31.57 15.15 10.67
C GLU A 194 30.61 16.28 10.30
N GLU A 195 30.60 16.65 9.02
CA GLU A 195 29.73 17.69 8.50
C GLU A 195 28.28 17.21 8.31
N THR A 196 27.51 17.32 9.39
CA THR A 196 26.21 16.66 9.50
C THR A 196 24.98 17.60 9.44
N ASP A 197 25.20 18.91 9.57
CA ASP A 197 24.12 19.88 9.64
C ASP A 197 23.00 19.69 8.62
N SER A 198 23.31 19.14 7.45
CA SER A 198 22.33 19.11 6.36
C SER A 198 21.41 17.87 6.38
N LEU A 199 21.50 17.10 7.45
CA LEU A 199 20.66 15.94 7.67
C LEU A 199 19.52 16.25 8.66
N ARG A 200 19.50 17.49 9.15
CA ARG A 200 18.54 17.93 10.16
C ARG A 200 17.18 18.21 9.54
N LYS A 201 16.11 18.15 10.35
CA LYS A 201 14.80 18.53 9.84
C LYS A 201 14.82 19.91 9.19
N VAL A 202 14.17 20.03 8.05
CA VAL A 202 13.87 21.33 7.46
C VAL A 202 12.36 21.57 7.57
N PRO A 203 11.94 22.54 8.39
CA PRO A 203 10.52 22.68 8.75
C PRO A 203 9.61 22.98 7.57
N GLY A 204 8.42 22.35 7.59
CA GLY A 204 7.43 22.49 6.53
C GLY A 204 7.94 21.94 5.21
N ARG A 205 8.97 21.11 5.27
CA ARG A 205 9.46 20.39 4.10
C ARG A 205 9.46 18.87 4.34
N ASP A 206 9.21 18.14 3.26
CA ASP A 206 9.19 16.67 3.26
C ASP A 206 10.42 16.22 2.46
N LEU A 207 11.49 15.86 3.15
CA LEU A 207 12.73 15.51 2.45
C LEU A 207 13.22 14.10 2.78
N VAL A 208 13.85 13.45 1.81
CA VAL A 208 14.63 12.25 2.09
C VAL A 208 16.05 12.35 1.54
N THR A 209 17.04 12.06 2.36
CA THR A 209 18.42 12.03 1.88
C THR A 209 19.00 10.61 1.82
N LEU A 210 19.50 10.24 0.64
CA LEU A 210 20.28 9.03 0.46
C LEU A 210 21.76 9.33 0.72
N ILE A 211 22.36 8.68 1.72
CA ILE A 211 23.77 8.95 1.95
C ILE A 211 24.64 7.73 1.76
N THR A 212 25.77 7.89 1.07
CA THR A 212 26.74 6.82 0.93
C THR A 212 28.17 7.34 1.16
N CYS A 213 29.15 6.45 1.15
CA CYS A 213 30.54 6.87 1.26
C CYS A 213 31.12 7.16 -0.10
N THR A 214 32.14 8.02 -0.12
CA THR A 214 32.78 8.43 -1.37
C THR A 214 34.14 9.02 -1.08
N PRO A 215 35.10 8.82 -2.02
CA PRO A 215 34.93 8.04 -3.25
C PRO A 215 35.10 6.53 -3.01
N TYR A 216 34.67 5.73 -3.99
CA TYR A 216 34.76 4.28 -3.92
C TYR A 216 36.11 3.86 -3.37
N GLY A 217 36.13 2.91 -2.45
CA GLY A 217 37.36 2.34 -1.98
C GLY A 217 38.15 3.23 -1.03
N VAL A 218 37.75 4.50 -0.94
CA VAL A 218 38.49 5.40 -0.06
C VAL A 218 37.64 6.01 1.06
N ASN A 219 36.37 6.30 0.80
CA ASN A 219 35.50 6.71 1.90
C ASN A 219 36.07 7.85 2.75
N SER A 220 36.64 8.85 2.13
CA SER A 220 37.16 9.99 2.88
C SER A 220 36.03 10.97 3.12
N HIS A 221 35.00 10.89 2.28
CA HIS A 221 33.83 11.79 2.40
C HIS A 221 32.47 11.06 2.42
N ARG A 222 31.39 11.81 2.22
CA ARG A 222 30.03 11.28 2.12
C ARG A 222 29.30 11.94 0.98
N LEU A 223 28.60 11.16 0.17
CA LEU A 223 27.79 11.74 -0.88
C LEU A 223 26.32 11.81 -0.42
N LEU A 224 25.72 12.99 -0.46
CA LEU A 224 24.36 13.20 0.03
C LEU A 224 23.49 13.61 -1.11
N VAL A 225 22.54 12.75 -1.47
CA VAL A 225 21.56 13.07 -2.49
C VAL A 225 20.25 13.31 -1.76
N THR A 226 19.69 14.51 -1.89
CA THR A 226 18.48 14.85 -1.19
C THR A 226 17.35 14.93 -2.20
N GLY A 227 16.21 14.33 -1.87
CA GLY A 227 15.03 14.44 -2.72
C GLY A 227 13.93 15.13 -1.94
N GLU A 228 13.03 15.80 -2.65
CA GLU A 228 11.90 16.45 -2.01
C GLU A 228 10.59 15.84 -2.48
N ARG A 229 9.65 15.66 -1.56
CA ARG A 229 8.38 15.03 -1.86
C ARG A 229 7.74 15.73 -3.06
N VAL A 230 7.28 14.93 -4.02
CA VAL A 230 6.52 15.42 -5.17
C VAL A 230 5.20 14.67 -5.26
N PRO A 231 4.07 15.38 -5.38
CA PRO A 231 2.82 14.63 -5.60
C PRO A 231 2.72 14.12 -7.04
N MET A 232 1.98 13.05 -7.24
CA MET A 232 1.96 12.40 -8.56
C MET A 232 0.75 12.80 -9.44
N ALA B 50 49.99 17.25 -5.30
CA ALA B 50 51.12 16.40 -5.70
C ALA B 50 51.05 15.99 -7.17
N GLY B 51 52.01 16.45 -7.96
CA GLY B 51 52.00 16.19 -9.39
C GLY B 51 52.68 14.89 -9.80
N PRO B 52 52.68 14.62 -11.11
CA PRO B 52 53.15 13.34 -11.65
C PRO B 52 54.57 13.01 -11.23
N GLU B 53 55.49 13.97 -11.23
CA GLU B 53 56.91 13.65 -11.08
C GLU B 53 57.19 13.17 -9.68
N THR B 54 56.53 13.81 -8.72
CA THR B 54 56.69 13.53 -7.30
C THR B 54 56.15 12.13 -6.94
N ILE B 55 54.93 11.86 -7.42
CA ILE B 55 54.29 10.55 -7.35
C ILE B 55 55.09 9.43 -8.01
N ALA B 56 55.48 9.61 -9.26
CA ALA B 56 56.34 8.64 -9.93
C ALA B 56 57.55 8.30 -9.07
N LYS B 57 58.20 9.31 -8.53
CA LYS B 57 59.43 9.10 -7.78
C LYS B 57 59.14 8.34 -6.48
N GLU B 58 58.06 8.74 -5.82
CA GLU B 58 57.57 8.09 -4.62
C GLU B 58 57.24 6.60 -4.89
N ARG B 59 56.46 6.31 -5.93
CA ARG B 59 56.15 4.92 -6.25
C ARG B 59 57.42 4.11 -6.41
N ALA B 60 58.29 4.52 -7.35
CA ALA B 60 59.49 3.72 -7.66
C ALA B 60 60.40 3.48 -6.46
N SER B 61 60.53 4.49 -5.59
CA SER B 61 61.35 4.30 -4.41
C SER B 61 60.72 3.19 -3.55
N ALA B 62 59.40 3.28 -3.32
CA ALA B 62 58.70 2.27 -2.50
C ALA B 62 58.83 0.93 -3.15
N GLU B 63 58.75 0.88 -4.47
CA GLU B 63 58.94 -0.43 -5.11
C GLU B 63 60.36 -0.99 -4.99
N THR B 64 61.37 -0.11 -5.07
CA THR B 64 62.76 -0.51 -4.82
C THR B 64 62.90 -1.00 -3.39
N TYR B 65 62.37 -0.23 -2.44
CA TYR B 65 62.33 -0.69 -1.06
C TYR B 65 61.78 -2.11 -0.95
N ASN B 66 60.63 -2.37 -1.55
CA ASN B 66 60.04 -3.71 -1.46
C ASN B 66 60.94 -4.79 -2.06
N ASN B 67 61.66 -4.47 -3.13
CA ASN B 67 62.49 -5.46 -3.81
C ASN B 67 63.72 -5.80 -2.97
N ASN B 68 64.23 -4.79 -2.26
CA ASN B 68 65.42 -4.92 -1.45
C ASN B 68 65.18 -5.43 -0.03
N LEU B 69 63.91 -5.60 0.33
CA LEU B 69 63.55 -6.04 1.67
C LEU B 69 63.94 -7.50 1.89
N GLU B 70 64.84 -7.74 2.84
CA GLU B 70 65.37 -9.09 3.11
C GLU B 70 64.56 -9.85 4.15
N SER B 71 63.83 -10.88 3.72
CA SER B 71 62.89 -11.58 4.60
C SER B 71 63.51 -12.04 5.94
N ALA B 72 63.28 -11.23 6.98
CA ALA B 72 63.84 -11.43 8.31
C ALA B 72 62.75 -11.77 9.34
N PRO B 73 63.15 -12.14 10.58
CA PRO B 73 62.11 -12.36 11.60
C PRO B 73 61.44 -11.02 11.93
N ILE B 74 60.15 -11.05 12.28
CA ILE B 74 59.39 -9.81 12.53
C ILE B 74 59.01 -9.73 14.00
N LEU B 75 59.11 -8.53 14.58
CA LEU B 75 58.83 -8.40 15.99
C LEU B 75 57.35 -8.14 16.21
N ASP B 76 56.75 -8.84 17.18
CA ASP B 76 55.41 -8.52 17.60
C ASP B 76 55.29 -7.06 17.98
N PRO B 77 54.37 -6.35 17.34
CA PRO B 77 54.16 -4.91 17.55
C PRO B 77 53.86 -4.51 19.00
N TRP B 78 53.17 -5.35 19.78
CA TRP B 78 52.66 -4.93 21.09
C TRP B 78 53.60 -5.23 22.25
N LEU B 79 54.42 -6.27 22.10
CA LEU B 79 55.38 -6.67 23.15
C LEU B 79 56.75 -6.01 22.98
N GLU B 80 57.27 -6.09 21.77
CA GLU B 80 58.61 -5.60 21.51
C GLU B 80 58.61 -4.09 21.40
N SER B 81 57.51 -3.52 20.96
CA SER B 81 57.34 -2.06 20.98
C SER B 81 58.67 -1.26 21.06
N GLN B 82 59.45 -1.34 19.99
CA GLN B 82 60.68 -0.57 19.81
C GLN B 82 60.57 0.16 18.43
N ARG B 83 61.61 0.74 17.80
CA ARG B 83 63.05 0.72 18.05
C ARG B 83 63.72 1.67 17.01
N PRO B 84 63.46 2.99 17.11
CA PRO B 84 63.45 3.91 15.97
C PRO B 84 64.76 4.58 15.50
N ASP B 85 65.74 4.69 16.38
CA ASP B 85 66.97 5.45 16.08
C ASP B 85 68.00 4.62 15.32
N THR B 86 67.59 3.76 14.41
CA THR B 86 68.56 2.95 13.69
C THR B 86 68.50 3.36 12.24
N PRO B 87 69.60 3.15 11.49
CA PRO B 87 69.64 3.60 10.10
C PRO B 87 68.49 3.00 9.28
N GLN B 88 68.25 1.71 9.47
CA GLN B 88 67.26 1.06 8.62
C GLN B 88 65.84 1.56 8.94
N TYR B 89 65.57 1.86 10.20
CA TYR B 89 64.27 2.45 10.50
C TYR B 89 64.20 3.88 9.98
N GLN B 90 65.22 4.69 10.28
CA GLN B 90 65.24 6.06 9.75
C GLN B 90 65.07 6.11 8.22
N ALA B 91 65.63 5.13 7.51
CA ALA B 91 65.56 5.18 6.06
C ALA B 91 64.13 4.84 5.62
N TYR B 92 63.52 3.92 6.34
CA TYR B 92 62.12 3.55 6.11
C TYR B 92 61.18 4.71 6.32
N LEU B 93 61.44 5.55 7.34
CA LEU B 93 60.59 6.72 7.54
C LEU B 93 60.56 7.62 6.31
N HIS B 94 61.51 7.43 5.42
CA HIS B 94 61.59 8.30 4.25
C HIS B 94 60.72 7.82 3.11
N GLU B 95 60.32 6.54 3.15
CA GLU B 95 59.48 5.98 2.11
C GLU B 95 58.04 6.50 2.27
N MET B 96 57.34 6.69 1.15
CA MET B 96 55.95 7.11 1.19
C MET B 96 55.72 8.18 2.25
N ASP B 97 56.45 9.28 2.16
CA ASP B 97 56.35 10.34 3.17
C ASP B 97 55.97 11.70 2.60
N ILE B 98 55.31 11.71 1.44
CA ILE B 98 54.74 12.94 0.88
C ILE B 98 53.87 13.65 1.91
N ASP B 99 52.85 12.95 2.42
CA ASP B 99 52.03 13.50 3.51
C ASP B 99 52.34 12.72 4.75
N PRO B 100 51.89 13.22 5.91
CA PRO B 100 52.11 12.52 7.18
C PRO B 100 51.40 11.14 7.28
N VAL B 101 50.34 10.95 6.50
CA VAL B 101 49.67 9.64 6.42
C VAL B 101 50.26 8.83 5.27
N MET B 102 50.72 7.64 5.56
CA MET B 102 51.37 6.79 4.57
C MET B 102 50.39 6.21 3.56
N ALA B 103 49.21 5.83 4.03
CA ALA B 103 48.23 5.15 3.19
C ALA B 103 46.95 5.16 4.00
N ARG B 104 45.90 4.57 3.44
CA ARG B 104 44.60 4.52 4.09
C ARG B 104 43.99 3.15 3.85
N ILE B 105 43.37 2.57 4.88
CA ILE B 105 42.63 1.33 4.69
C ILE B 105 41.14 1.49 4.93
N VAL B 106 40.36 0.83 4.08
CA VAL B 106 38.91 0.89 4.13
C VAL B 106 38.40 -0.53 4.10
N ILE B 107 37.58 -0.88 5.08
CA ILE B 107 37.01 -2.22 5.13
C ILE B 107 35.51 -2.05 5.33
N PRO B 108 34.76 -1.88 4.22
CA PRO B 108 33.36 -1.44 4.32
C PRO B 108 32.50 -2.32 5.21
N SER B 109 32.67 -3.63 5.21
CA SER B 109 31.66 -4.45 5.85
C SER B 109 31.64 -4.28 7.36
N ILE B 110 32.73 -3.72 7.93
CA ILE B 110 32.77 -3.44 9.36
C ILE B 110 32.99 -1.95 9.65
N HIS B 111 32.57 -1.08 8.74
CA HIS B 111 32.66 0.38 8.92
C HIS B 111 34.07 0.88 9.33
N VAL B 112 35.12 0.23 8.82
CA VAL B 112 36.46 0.75 9.05
C VAL B 112 36.95 1.67 7.94
N SER B 113 37.49 2.81 8.34
CA SER B 113 38.23 3.70 7.43
C SER B 113 39.28 4.46 8.23
N LEU B 114 40.53 4.02 8.15
CA LEU B 114 41.54 4.50 9.06
C LEU B 114 42.80 4.90 8.32
N PRO B 115 43.49 5.95 8.79
CA PRO B 115 44.78 6.29 8.15
C PRO B 115 45.82 5.27 8.56
N ILE B 116 46.80 5.04 7.70
CA ILE B 116 47.89 4.13 8.03
C ILE B 116 49.14 4.96 8.24
N TYR B 117 49.91 4.65 9.27
CA TYR B 117 51.12 5.39 9.53
C TYR B 117 52.31 4.46 9.55
N HIS B 118 53.52 5.03 9.42
CA HIS B 118 54.73 4.23 9.56
C HIS B 118 54.84 3.62 10.93
N GLY B 119 55.30 2.37 11.00
CA GLY B 119 55.61 1.79 12.29
C GLY B 119 54.45 1.41 13.20
N THR B 120 54.77 0.80 14.34
CA THR B 120 53.76 0.28 15.22
C THR B 120 54.04 0.72 16.66
N ASP B 121 54.46 1.95 16.79
CA ASP B 121 54.81 2.53 18.08
C ASP B 121 53.52 2.86 18.85
N SER B 122 53.55 2.80 20.18
CA SER B 122 52.32 2.93 20.98
C SER B 122 51.56 4.22 20.69
N ARG B 123 52.28 5.33 20.62
CA ARG B 123 51.71 6.60 20.14
C ARG B 123 50.98 6.41 18.80
N THR B 124 51.63 5.77 17.84
CA THR B 124 51.04 5.63 16.51
C THR B 124 49.73 4.83 16.55
N LEU B 125 49.77 3.62 17.13
CA LEU B 125 48.58 2.75 17.16
C LEU B 125 47.41 3.43 17.87
N THR B 126 47.70 4.47 18.63
CA THR B 126 46.66 5.23 19.30
C THR B 126 45.91 6.12 18.32
N GLU B 127 46.52 6.44 17.19
CA GLU B 127 45.94 7.39 16.22
C GLU B 127 45.46 6.78 14.89
N GLY B 128 45.87 5.56 14.59
CA GLY B 128 45.38 4.86 13.41
C GLY B 128 46.06 3.50 13.28
N VAL B 129 46.10 2.99 12.06
CA VAL B 129 46.73 1.71 11.80
C VAL B 129 48.24 1.90 11.62
N GLY B 130 49.04 0.98 12.13
CA GLY B 130 50.48 1.10 11.99
C GLY B 130 50.99 0.03 11.06
N HIS B 131 51.75 0.43 10.05
CA HIS B 131 52.34 -0.52 9.13
C HIS B 131 53.47 -1.21 9.85
N LEU B 132 53.59 -2.53 9.70
CA LEU B 132 54.54 -3.29 10.51
C LEU B 132 55.94 -3.25 9.89
N PHE B 133 56.86 -2.56 10.54
CA PHE B 133 58.18 -2.38 9.97
C PHE B 133 58.79 -3.76 9.74
N GLY B 134 59.30 -4.02 8.54
CA GLY B 134 59.86 -5.33 8.22
C GLY B 134 59.04 -6.06 7.16
N THR B 135 57.88 -5.51 6.80
CA THR B 135 57.03 -6.14 5.82
C THR B 135 56.86 -5.17 4.67
N SER B 136 56.36 -5.66 3.54
CA SER B 136 56.28 -4.83 2.34
C SER B 136 55.50 -3.55 2.60
N LEU B 137 55.90 -2.45 1.97
CA LEU B 137 55.12 -1.22 2.04
C LEU B 137 53.89 -1.53 1.23
N PRO B 138 52.73 -0.99 1.62
CA PRO B 138 51.46 -1.36 0.96
C PRO B 138 51.28 -0.64 -0.37
N VAL B 139 52.03 -1.03 -1.40
CA VAL B 139 51.85 -0.48 -2.73
C VAL B 139 51.62 -1.64 -3.64
N GLY B 140 51.48 -2.83 -3.07
CA GLY B 140 51.07 -3.99 -3.84
C GLY B 140 52.13 -4.43 -4.84
N GLY B 141 51.80 -5.47 -5.61
CA GLY B 141 52.75 -6.06 -6.55
C GLY B 141 53.15 -7.47 -6.18
N PRO B 142 53.60 -8.27 -7.16
CA PRO B 142 53.84 -9.70 -6.95
C PRO B 142 55.00 -9.93 -6.00
N SER B 143 54.87 -10.90 -5.12
CA SER B 143 55.90 -11.16 -4.14
C SER B 143 55.98 -10.08 -3.09
N THR B 144 54.85 -9.49 -2.71
CA THR B 144 54.84 -8.56 -1.59
C THR B 144 53.86 -9.01 -0.55
N HIS B 145 54.14 -8.66 0.69
CA HIS B 145 53.24 -8.97 1.76
C HIS B 145 53.34 -7.86 2.76
N SER B 146 52.37 -6.95 2.73
CA SER B 146 52.27 -5.83 3.65
C SER B 146 51.43 -6.27 4.84
N VAL B 147 51.84 -5.89 6.06
CA VAL B 147 51.14 -6.25 7.29
C VAL B 147 50.73 -4.96 8.02
N LEU B 148 49.45 -4.85 8.38
CA LEU B 148 48.90 -3.63 8.96
C LEU B 148 48.36 -3.90 10.36
N THR B 149 48.76 -3.10 11.34
CA THR B 149 48.44 -3.37 12.73
C THR B 149 47.39 -2.42 13.27
N GLY B 150 46.49 -2.92 14.09
CA GLY B 150 45.50 -2.07 14.72
C GLY B 150 45.10 -2.68 16.05
N HIS B 151 44.73 -1.85 17.01
CA HIS B 151 44.34 -2.34 18.33
C HIS B 151 42.98 -3.02 18.34
N THR B 152 42.83 -3.99 19.23
CA THR B 152 41.52 -4.47 19.68
C THR B 152 41.46 -4.08 21.14
N GLY B 153 40.44 -3.31 21.52
CA GLY B 153 40.26 -2.95 22.91
C GLY B 153 40.86 -1.64 23.42
N LEU B 154 41.19 -0.73 22.51
CA LEU B 154 41.60 0.61 22.92
C LEU B 154 40.34 1.37 23.30
N SER B 155 40.37 2.02 24.46
CA SER B 155 39.17 2.71 24.97
C SER B 155 38.73 3.90 24.12
N THR B 156 39.67 4.50 23.40
CA THR B 156 39.40 5.78 22.72
C THR B 156 39.04 5.68 21.23
N ALA B 157 38.99 4.46 20.70
CA ALA B 157 38.71 4.28 19.29
C ALA B 157 38.50 2.80 18.99
N THR B 158 37.60 2.50 18.05
CA THR B 158 37.31 1.12 17.72
C THR B 158 38.51 0.40 17.08
N MET B 159 39.24 1.10 16.21
CA MET B 159 40.38 0.52 15.47
C MET B 159 40.04 -0.83 14.83
N PHE B 160 40.70 -1.90 15.26
CA PHE B 160 40.49 -3.21 14.65
C PHE B 160 39.64 -4.15 15.55
N ASP B 161 38.84 -3.57 16.45
CA ASP B 161 38.04 -4.35 17.40
C ASP B 161 37.24 -5.40 16.65
N ASN B 162 36.71 -5.02 15.50
CA ASN B 162 35.76 -5.85 14.76
C ASN B 162 36.34 -6.70 13.64
N LEU B 163 37.67 -6.84 13.63
CA LEU B 163 38.33 -7.61 12.60
C LEU B 163 37.79 -9.00 12.63
N ASN B 164 37.41 -9.48 13.82
CA ASN B 164 36.95 -10.86 13.98
C ASN B 164 35.64 -11.17 13.23
N GLN B 165 34.84 -10.14 12.95
CA GLN B 165 33.60 -10.24 12.18
C GLN B 165 33.83 -10.50 10.68
N LEU B 166 35.08 -10.45 10.22
CA LEU B 166 35.34 -10.58 8.79
C LEU B 166 35.27 -12.02 8.31
N LYS B 167 34.87 -12.25 7.07
CA LYS B 167 34.80 -13.62 6.56
C LYS B 167 35.41 -13.73 5.16
N LYS B 168 35.78 -14.94 4.77
CA LYS B 168 36.24 -15.15 3.41
C LYS B 168 35.28 -14.47 2.41
N GLY B 169 35.85 -13.77 1.44
CA GLY B 169 35.06 -13.12 0.42
C GLY B 169 34.80 -11.68 0.76
N ASP B 170 34.92 -11.30 2.03
CA ASP B 170 34.84 -9.87 2.39
C ASP B 170 36.09 -9.19 1.82
N VAL B 171 36.04 -7.88 1.70
CA VAL B 171 36.87 -7.17 0.78
C VAL B 171 37.45 -5.99 1.53
N PHE B 172 38.61 -5.47 1.13
CA PHE B 172 39.11 -4.22 1.70
C PHE B 172 40.05 -3.49 0.73
N TYR B 173 40.11 -2.16 0.85
CA TYR B 173 40.91 -1.37 -0.06
C TYR B 173 42.05 -0.64 0.65
N VAL B 174 43.25 -0.72 0.07
CA VAL B 174 44.39 0.03 0.56
C VAL B 174 44.84 1.08 -0.42
N SER B 175 44.79 2.31 0.01
CA SER B 175 44.98 3.44 -0.86
C SER B 175 46.34 4.09 -0.61
N SER B 176 47.12 4.28 -1.68
CA SER B 176 48.32 5.10 -1.57
C SER B 176 48.78 5.66 -2.89
N LEU B 177 49.32 6.86 -2.85
CA LEU B 177 50.02 7.39 -4.01
C LEU B 177 49.05 7.50 -5.19
N GLY B 178 47.85 7.99 -4.90
CA GLY B 178 46.81 8.11 -5.91
C GLY B 178 46.22 6.85 -6.52
N GLN B 179 46.53 5.67 -5.98
CA GLN B 179 45.88 4.43 -6.43
C GLN B 179 45.19 3.74 -5.26
N THR B 180 44.13 3.01 -5.55
CA THR B 180 43.44 2.23 -4.55
C THR B 180 43.66 0.79 -4.93
N LEU B 181 44.11 -0.03 -3.98
CA LEU B 181 44.32 -1.45 -4.23
C LEU B 181 43.20 -2.27 -3.57
N LYS B 182 42.71 -3.32 -4.23
CA LYS B 182 41.62 -4.06 -3.65
C LYS B 182 42.11 -5.43 -3.30
N TYR B 183 41.70 -5.89 -2.11
CA TYR B 183 42.14 -7.16 -1.57
C TYR B 183 40.91 -7.98 -1.17
N GLU B 184 40.98 -9.30 -1.32
CA GLU B 184 39.88 -10.16 -0.91
C GLU B 184 40.27 -11.12 0.21
N VAL B 185 39.52 -11.13 1.32
CA VAL B 185 39.91 -11.97 2.44
C VAL B 185 39.87 -13.43 1.99
N ASN B 186 40.96 -14.17 2.18
CA ASN B 186 40.98 -15.60 1.85
C ASN B 186 41.63 -16.48 2.91
N ASP B 187 41.99 -15.88 4.03
CA ASP B 187 42.55 -16.65 5.13
C ASP B 187 42.38 -15.92 6.43
N ILE B 188 41.99 -16.66 7.46
CA ILE B 188 41.89 -16.14 8.82
C ILE B 188 42.54 -17.16 9.73
N THR B 189 43.35 -16.66 10.65
CA THR B 189 44.18 -17.51 11.49
C THR B 189 44.39 -16.81 12.80
N VAL B 190 44.38 -17.57 13.89
CA VAL B 190 44.72 -17.02 15.18
C VAL B 190 45.98 -17.69 15.65
N VAL B 191 46.94 -16.89 16.10
CA VAL B 191 48.28 -17.39 16.28
C VAL B 191 48.92 -16.82 17.56
N LYS B 192 49.91 -17.51 18.13
CA LYS B 192 50.64 -16.94 19.26
C LYS B 192 51.58 -15.83 18.78
N PRO B 193 51.84 -14.82 19.62
CA PRO B 193 52.69 -13.67 19.25
C PRO B 193 54.04 -14.04 18.61
N GLU B 194 54.66 -15.12 19.04
CA GLU B 194 55.95 -15.50 18.46
C GLU B 194 55.84 -16.04 17.03
N GLU B 195 54.71 -16.67 16.71
CA GLU B 195 54.52 -17.40 15.47
C GLU B 195 54.33 -16.44 14.30
N THR B 196 55.44 -15.89 13.84
CA THR B 196 55.43 -14.78 12.91
C THR B 196 55.62 -15.20 11.45
N ASP B 197 55.81 -16.50 11.21
CA ASP B 197 56.16 -17.04 9.88
C ASP B 197 55.16 -16.77 8.74
N SER B 198 53.87 -16.78 9.06
CA SER B 198 52.86 -16.55 8.04
C SER B 198 52.81 -15.08 7.61
N LEU B 199 53.67 -14.24 8.16
CA LEU B 199 53.71 -12.85 7.76
C LEU B 199 54.84 -12.60 6.76
N ARG B 200 55.48 -13.66 6.28
CA ARG B 200 56.62 -13.55 5.35
C ARG B 200 56.18 -13.34 3.90
N LYS B 201 57.05 -12.74 3.07
CA LYS B 201 56.78 -12.62 1.64
C LYS B 201 56.45 -13.98 1.04
N VAL B 202 55.53 -14.00 0.10
CA VAL B 202 55.16 -15.24 -0.56
C VAL B 202 55.31 -15.00 -2.05
N PRO B 203 56.30 -15.67 -2.65
CA PRO B 203 56.65 -15.48 -4.07
C PRO B 203 55.43 -15.55 -5.00
N GLY B 204 55.36 -14.62 -5.94
CA GLY B 204 54.31 -14.63 -6.93
C GLY B 204 52.97 -14.05 -6.46
N ARG B 205 52.84 -13.89 -5.15
CA ARG B 205 51.58 -13.45 -4.55
C ARG B 205 51.62 -12.02 -3.97
N ASP B 206 50.49 -11.32 -4.06
CA ASP B 206 50.35 -9.96 -3.55
C ASP B 206 49.36 -10.00 -2.37
N LEU B 207 49.88 -9.93 -1.15
CA LEU B 207 49.09 -10.11 0.06
C LEU B 207 49.12 -8.93 1.03
N VAL B 208 48.00 -8.68 1.70
CA VAL B 208 47.97 -7.77 2.84
C VAL B 208 47.31 -8.53 3.99
N THR B 209 47.96 -8.52 5.14
CA THR B 209 47.42 -9.17 6.33
C THR B 209 47.15 -8.14 7.42
N LEU B 210 45.96 -8.19 8.01
CA LEU B 210 45.61 -7.22 9.03
C LEU B 210 45.79 -7.93 10.35
N ILE B 211 46.55 -7.35 11.27
CA ILE B 211 46.84 -8.07 12.50
C ILE B 211 46.30 -7.32 13.70
N THR B 212 45.77 -8.06 14.66
CA THR B 212 45.31 -7.42 15.89
C THR B 212 45.35 -8.38 17.06
N CYS B 213 45.13 -7.81 18.24
CA CYS B 213 45.17 -8.56 19.50
C CYS B 213 43.88 -9.31 19.71
N THR B 214 43.97 -10.51 20.27
CA THR B 214 42.78 -11.34 20.48
C THR B 214 43.04 -12.40 21.53
N PRO B 215 42.02 -12.73 22.33
CA PRO B 215 40.66 -12.17 22.33
C PRO B 215 40.56 -10.86 23.07
N TYR B 216 39.53 -10.08 22.76
CA TYR B 216 39.28 -8.81 23.40
C TYR B 216 39.44 -9.03 24.90
N GLY B 217 40.31 -8.26 25.53
CA GLY B 217 40.41 -8.30 26.97
C GLY B 217 41.48 -9.24 27.47
N VAL B 218 41.88 -10.20 26.65
CA VAL B 218 42.97 -11.06 27.10
C VAL B 218 44.24 -10.93 26.26
N ASN B 219 44.09 -10.67 24.95
CA ASN B 219 45.19 -10.36 24.06
C ASN B 219 46.41 -11.24 24.15
N SER B 220 46.23 -12.50 24.48
CA SER B 220 47.35 -13.44 24.54
C SER B 220 47.76 -13.90 23.15
N HIS B 221 46.92 -13.62 22.15
CA HIS B 221 47.06 -14.25 20.85
C HIS B 221 46.93 -13.20 19.77
N ARG B 222 47.13 -13.62 18.52
CA ARG B 222 47.08 -12.67 17.41
C ARG B 222 46.13 -13.20 16.37
N LEU B 223 45.20 -12.35 15.93
CA LEU B 223 44.27 -12.64 14.83
C LEU B 223 44.88 -12.11 13.53
N LEU B 224 45.08 -12.97 12.53
CA LEU B 224 45.56 -12.51 11.23
C LEU B 224 44.51 -12.71 10.15
N VAL B 225 43.94 -11.62 9.65
CA VAL B 225 43.07 -11.67 8.49
C VAL B 225 43.90 -11.33 7.24
N THR B 226 44.10 -12.33 6.37
CA THR B 226 44.86 -12.15 5.16
C THR B 226 43.96 -11.97 3.94
N GLY B 227 44.26 -10.96 3.14
CA GLY B 227 43.53 -10.74 1.90
C GLY B 227 44.52 -10.85 0.76
N GLU B 228 44.03 -11.30 -0.39
CA GLU B 228 44.86 -11.38 -1.58
C GLU B 228 44.39 -10.42 -2.64
N ARG B 229 45.33 -9.90 -3.42
CA ARG B 229 45.00 -8.88 -4.40
C ARG B 229 44.10 -9.42 -5.50
N VAL B 230 43.28 -8.52 -6.04
CA VAL B 230 42.17 -8.87 -6.89
C VAL B 230 41.89 -7.60 -7.70
N PRO B 231 41.35 -7.72 -8.92
CA PRO B 231 41.25 -6.48 -9.75
C PRO B 231 40.25 -5.45 -9.25
N MET B 232 40.63 -4.17 -9.30
CA MET B 232 39.79 -3.04 -8.89
C MET B 232 39.07 -2.51 -10.10
N ASP B 233 37.86 -3.00 -10.39
CA ASP B 233 37.09 -2.38 -11.49
C ASP B 233 35.57 -2.34 -11.31
N PRO B 234 35.06 -1.18 -10.89
CA PRO B 234 33.62 -0.87 -10.73
C PRO B 234 32.87 -0.83 -12.07
N THR C 54 -18.67 16.62 3.91
CA THR C 54 -18.63 15.16 3.98
C THR C 54 -19.84 14.62 4.75
N ILE C 55 -20.26 13.42 4.37
CA ILE C 55 -21.30 12.68 5.06
C ILE C 55 -20.80 12.02 6.34
N ALA C 56 -19.59 11.46 6.28
CA ALA C 56 -19.08 10.65 7.37
C ALA C 56 -18.72 11.43 8.64
N LYS C 57 -18.62 12.75 8.53
CA LYS C 57 -18.35 13.55 9.73
C LYS C 57 -19.65 14.02 10.35
N GLU C 58 -20.67 14.21 9.52
CA GLU C 58 -22.05 14.36 10.01
C GLU C 58 -22.39 13.11 10.85
N ARG C 59 -22.07 11.96 10.26
CA ARG C 59 -22.27 10.68 10.93
C ARG C 59 -21.52 10.57 12.26
N ALA C 60 -20.24 10.86 12.26
CA ALA C 60 -19.48 10.76 13.51
C ALA C 60 -19.92 11.81 14.53
N SER C 61 -20.41 12.95 14.04
CA SER C 61 -20.95 13.97 14.94
C SER C 61 -22.25 13.51 15.59
N ALA C 62 -23.04 12.71 14.86
CA ALA C 62 -24.31 12.19 15.38
C ALA C 62 -24.05 11.12 16.41
N GLU C 63 -23.11 10.22 16.12
CA GLU C 63 -22.68 9.22 17.10
C GLU C 63 -22.25 9.92 18.38
N THR C 64 -21.60 11.06 18.20
CA THR C 64 -21.05 11.79 19.32
C THR C 64 -22.15 12.48 20.12
N TYR C 65 -23.20 12.93 19.44
CA TYR C 65 -24.41 13.43 20.11
C TYR C 65 -25.03 12.32 20.96
N ASN C 66 -25.11 11.13 20.38
CA ASN C 66 -25.65 9.96 21.08
C ASN C 66 -24.83 9.61 22.31
N ASN C 67 -23.52 9.84 22.22
CA ASN C 67 -22.63 9.54 23.34
C ASN C 67 -22.90 10.49 24.50
N ASN C 68 -23.15 11.76 24.19
CA ASN C 68 -23.32 12.77 25.24
C ASN C 68 -24.73 12.89 25.79
N LEU C 69 -25.72 12.68 24.93
CA LEU C 69 -27.13 12.63 25.32
C LEU C 69 -27.30 11.90 26.66
N GLU C 70 -27.85 12.59 27.65
CA GLU C 70 -28.12 11.95 28.94
C GLU C 70 -29.64 11.83 29.17
N SER C 71 -30.02 11.06 30.20
CA SER C 71 -31.42 10.67 30.44
C SER C 71 -32.44 11.81 30.44
N ALA C 72 -33.00 12.12 31.61
CA ALA C 72 -34.09 13.09 31.71
C ALA C 72 -35.42 12.52 31.19
N PRO C 73 -36.55 13.19 31.49
CA PRO C 73 -37.86 12.81 30.97
C PRO C 73 -38.00 12.92 29.43
N ILE C 74 -38.60 11.87 28.88
CA ILE C 74 -39.10 11.84 27.50
C ILE C 74 -40.60 12.16 27.53
N LEU C 75 -41.00 13.08 26.65
CA LEU C 75 -42.36 13.62 26.66
C LEU C 75 -43.18 13.09 25.50
N ASP C 76 -44.46 12.79 25.75
CA ASP C 76 -45.30 12.23 24.71
C ASP C 76 -45.35 13.17 23.50
N PRO C 77 -45.08 12.64 22.31
CA PRO C 77 -45.12 13.47 21.12
C PRO C 77 -46.39 14.32 20.97
N TRP C 78 -47.58 13.74 21.09
CA TRP C 78 -48.84 14.45 20.79
C TRP C 78 -49.29 15.41 21.90
N LEU C 79 -49.18 14.95 23.14
CA LEU C 79 -49.66 15.67 24.32
C LEU C 79 -48.60 16.68 24.74
N GLU C 80 -47.98 17.31 23.77
CA GLU C 80 -47.08 18.43 24.05
C GLU C 80 -46.78 19.21 22.78
N PRO C 84 -39.41 22.55 22.19
CA PRO C 84 -39.03 23.18 20.90
C PRO C 84 -38.56 24.66 21.05
N ASP C 85 -37.90 24.96 22.17
CA ASP C 85 -37.67 26.34 22.63
C ASP C 85 -36.33 26.57 23.41
N THR C 86 -35.20 26.08 22.88
CA THR C 86 -33.99 25.95 23.70
C THR C 86 -32.65 25.78 22.92
N PRO C 87 -31.51 26.15 23.56
CA PRO C 87 -30.16 25.85 23.05
C PRO C 87 -29.97 24.37 22.75
N GLN C 88 -30.43 23.55 23.69
CA GLN C 88 -30.40 22.12 23.50
C GLN C 88 -31.18 21.70 22.26
N TYR C 89 -32.37 22.28 22.06
CA TYR C 89 -33.12 21.97 20.83
C TYR C 89 -32.37 22.41 19.58
N GLN C 90 -31.74 23.59 19.64
CA GLN C 90 -30.96 24.07 18.50
C GLN C 90 -29.80 23.14 18.23
N ALA C 91 -29.07 22.74 19.26
CA ALA C 91 -27.96 21.84 19.02
C ALA C 91 -28.45 20.61 18.26
N TYR C 92 -29.60 20.08 18.72
CA TYR C 92 -30.28 18.95 18.09
C TYR C 92 -30.64 19.22 16.64
N LEU C 93 -31.27 20.36 16.38
CA LEU C 93 -31.63 20.71 15.01
C LEU C 93 -30.43 20.67 14.03
N HIS C 94 -29.20 20.83 14.55
CA HIS C 94 -28.02 20.96 13.67
C HIS C 94 -27.31 19.65 13.38
N GLU C 95 -27.66 18.58 14.08
CA GLU C 95 -27.11 17.27 13.78
C GLU C 95 -27.95 16.67 12.68
N MET C 96 -27.31 15.93 11.78
CA MET C 96 -28.02 15.25 10.70
C MET C 96 -28.87 16.23 9.90
N ASP C 97 -28.26 17.35 9.51
CA ASP C 97 -28.96 18.42 8.80
C ASP C 97 -28.40 18.80 7.41
N ILE C 98 -27.51 17.98 6.86
CA ILE C 98 -27.05 18.15 5.47
C ILE C 98 -28.24 18.17 4.50
N ASP C 99 -29.36 17.61 4.93
CA ASP C 99 -30.51 17.42 4.05
C ASP C 99 -31.75 17.76 4.83
N PRO C 100 -32.84 18.11 4.12
CA PRO C 100 -34.15 18.36 4.74
C PRO C 100 -34.58 17.16 5.60
N VAL C 101 -34.39 15.97 5.03
CA VAL C 101 -34.75 14.71 5.65
C VAL C 101 -33.61 14.17 6.52
N MET C 102 -33.89 13.94 7.80
CA MET C 102 -32.88 13.35 8.70
C MET C 102 -32.58 11.87 8.41
N ALA C 103 -33.60 11.09 8.05
CA ALA C 103 -33.44 9.66 7.79
C ALA C 103 -34.67 9.12 7.07
N ARG C 104 -34.56 7.92 6.53
CA ARG C 104 -35.73 7.24 5.97
C ARG C 104 -36.01 5.93 6.68
N ILE C 105 -37.27 5.50 6.66
CA ILE C 105 -37.64 4.20 7.20
C ILE C 105 -38.49 3.43 6.21
N VAL C 106 -38.16 2.16 6.00
CA VAL C 106 -38.97 1.27 5.21
C VAL C 106 -39.42 0.09 6.06
N ILE C 107 -40.73 -0.16 6.11
CA ILE C 107 -41.28 -1.31 6.83
C ILE C 107 -42.03 -2.07 5.77
N PRO C 108 -41.38 -3.08 5.17
CA PRO C 108 -41.93 -3.63 3.93
C PRO C 108 -43.18 -4.48 4.15
N SER C 109 -43.29 -5.14 5.29
CA SER C 109 -44.44 -6.03 5.48
C SER C 109 -45.73 -5.21 5.44
N ILE C 110 -45.69 -3.99 5.99
CA ILE C 110 -46.86 -3.10 6.01
C ILE C 110 -46.75 -1.87 5.10
N HIS C 111 -45.96 -2.00 4.03
CA HIS C 111 -45.87 -0.99 2.96
C HIS C 111 -45.57 0.46 3.33
N VAL C 112 -44.85 0.65 4.42
CA VAL C 112 -44.45 1.99 4.83
C VAL C 112 -43.08 2.38 4.24
N SER C 113 -43.04 3.50 3.54
CA SER C 113 -41.78 4.12 3.08
C SER C 113 -41.85 5.63 3.34
N LEU C 114 -41.21 6.07 4.42
CA LEU C 114 -41.42 7.43 4.92
C LEU C 114 -40.15 8.15 5.34
N PRO C 115 -40.08 9.47 5.07
CA PRO C 115 -39.01 10.34 5.52
C PRO C 115 -39.11 10.60 7.01
N ILE C 116 -37.98 10.84 7.66
CA ILE C 116 -37.93 11.15 9.07
C ILE C 116 -37.37 12.56 9.28
N TYR C 117 -38.00 13.32 10.15
CA TYR C 117 -37.63 14.72 10.31
C TYR C 117 -37.36 14.97 11.75
N HIS C 118 -36.66 16.05 12.06
CA HIS C 118 -36.36 16.36 13.44
C HIS C 118 -37.67 16.64 14.15
N GLY C 119 -37.77 16.21 15.41
CA GLY C 119 -38.88 16.65 16.25
C GLY C 119 -40.22 16.05 15.87
N THR C 120 -41.22 16.34 16.69
CA THR C 120 -42.57 15.80 16.53
C THR C 120 -43.63 16.90 16.69
N ASP C 121 -43.41 18.05 16.04
CA ASP C 121 -44.44 19.09 15.95
C ASP C 121 -45.61 18.59 15.09
N SER C 122 -46.81 19.07 15.40
CA SER C 122 -47.98 18.64 14.64
C SER C 122 -47.77 18.78 13.12
N ARG C 123 -47.29 19.92 12.62
CA ARG C 123 -47.09 19.99 11.18
C ARG C 123 -46.16 18.90 10.66
N THR C 124 -45.09 18.58 11.41
CA THR C 124 -44.14 17.55 10.98
C THR C 124 -44.79 16.17 10.92
N LEU C 125 -45.58 15.83 11.94
CA LEU C 125 -46.31 14.54 11.98
C LEU C 125 -47.26 14.44 10.80
N THR C 126 -47.40 15.57 10.10
CA THR C 126 -48.33 15.71 9.00
C THR C 126 -47.63 15.48 7.67
N GLU C 127 -46.29 15.49 7.73
CA GLU C 127 -45.42 15.44 6.54
C GLU C 127 -44.62 14.13 6.46
N GLY C 128 -44.30 13.54 7.61
CA GLY C 128 -43.72 12.21 7.61
C GLY C 128 -43.55 11.77 9.04
N VAL C 129 -42.50 11.00 9.31
CA VAL C 129 -42.23 10.45 10.63
C VAL C 129 -41.37 11.45 11.42
N GLY C 130 -41.72 11.67 12.67
CA GLY C 130 -40.99 12.62 13.47
C GLY C 130 -40.13 11.97 14.52
N HIS C 131 -38.83 12.24 14.46
CA HIS C 131 -37.93 11.65 15.41
C HIS C 131 -38.16 12.29 16.76
N LEU C 132 -38.10 11.52 17.84
CA LEU C 132 -38.54 12.04 19.13
C LEU C 132 -37.41 12.69 19.92
N PHE C 133 -37.42 14.02 19.93
CA PHE C 133 -36.37 14.75 20.61
C PHE C 133 -36.22 14.25 22.02
N GLY C 134 -35.00 13.89 22.41
CA GLY C 134 -34.74 13.34 23.73
C GLY C 134 -34.20 11.92 23.63
N THR C 135 -34.29 11.33 22.45
CA THR C 135 -33.83 9.98 22.25
C THR C 135 -32.80 9.96 21.15
N SER C 136 -32.15 8.81 20.98
CA SER C 136 -30.96 8.70 20.12
C SER C 136 -31.22 8.98 18.65
N LEU C 137 -30.27 9.66 18.01
CA LEU C 137 -30.39 9.92 16.59
C LEU C 137 -30.38 8.56 15.90
N PRO C 138 -31.16 8.42 14.81
CA PRO C 138 -31.28 7.14 14.07
C PRO C 138 -30.01 6.77 13.32
N VAL C 139 -28.90 6.62 14.04
CA VAL C 139 -27.63 6.23 13.41
C VAL C 139 -27.14 4.86 13.91
N GLY C 140 -27.84 4.31 14.90
CA GLY C 140 -27.52 2.99 15.39
C GLY C 140 -26.41 3.01 16.42
N GLY C 141 -25.97 1.81 16.81
CA GLY C 141 -24.87 1.67 17.74
C GLY C 141 -25.28 1.05 19.07
N PRO C 142 -24.30 0.59 19.86
CA PRO C 142 -24.58 0.03 21.18
C PRO C 142 -25.06 1.12 22.15
N SER C 143 -25.97 0.74 23.05
CA SER C 143 -26.59 1.68 23.99
C SER C 143 -27.29 2.84 23.30
N THR C 144 -27.93 2.59 22.16
CA THR C 144 -28.78 3.62 21.57
C THR C 144 -30.24 3.21 21.55
N HIS C 145 -31.10 4.21 21.81
CA HIS C 145 -32.53 4.00 21.69
C HIS C 145 -33.20 5.18 21.00
N SER C 146 -33.45 4.99 19.71
CA SER C 146 -34.16 5.97 18.88
C SER C 146 -35.67 5.67 18.78
N VAL C 147 -36.49 6.66 19.13
CA VAL C 147 -37.93 6.58 18.98
C VAL C 147 -38.41 7.38 17.78
N LEU C 148 -39.18 6.75 16.90
CA LEU C 148 -39.65 7.40 15.69
C LEU C 148 -41.19 7.53 15.74
N THR C 149 -41.70 8.76 15.76
CA THR C 149 -43.12 9.03 15.85
C THR C 149 -43.85 9.10 14.52
N GLY C 150 -44.98 8.42 14.45
CA GLY C 150 -45.85 8.47 13.28
C GLY C 150 -47.31 8.51 13.70
N HIS C 151 -48.11 9.23 12.97
CA HIS C 151 -49.48 9.44 13.36
C HIS C 151 -50.30 8.30 12.80
N THR C 152 -51.38 8.00 13.50
CA THR C 152 -52.46 7.15 13.00
C THR C 152 -53.72 7.99 12.94
N GLY C 153 -54.31 8.10 11.75
CA GLY C 153 -55.61 8.70 11.62
C GLY C 153 -55.75 9.95 10.79
N LEU C 154 -54.75 10.27 9.96
CA LEU C 154 -54.87 11.46 9.10
C LEU C 154 -55.74 11.16 7.88
N SER C 155 -56.47 12.16 7.43
CA SER C 155 -57.29 12.04 6.24
C SER C 155 -56.43 12.02 4.97
N THR C 156 -55.16 12.39 5.11
CA THR C 156 -54.32 12.70 3.95
C THR C 156 -53.25 11.69 3.66
N ALA C 157 -52.95 10.85 4.63
CA ALA C 157 -51.80 9.98 4.50
C ALA C 157 -51.94 8.79 5.45
N THR C 158 -51.48 7.64 5.01
CA THR C 158 -51.58 6.42 5.81
C THR C 158 -50.65 6.48 7.04
N MET C 159 -49.49 7.13 6.88
CA MET C 159 -48.44 7.19 7.92
C MET C 159 -48.28 5.87 8.67
N PHE C 160 -48.48 5.86 9.98
CA PHE C 160 -48.31 4.63 10.75
C PHE C 160 -49.65 3.84 10.99
N ASP C 161 -50.70 4.11 10.21
CA ASP C 161 -52.03 3.57 10.49
C ASP C 161 -51.91 2.06 10.78
N ASN C 162 -51.06 1.40 9.99
CA ASN C 162 -50.93 -0.05 9.99
C ASN C 162 -49.82 -0.60 10.88
N LEU C 163 -49.29 0.24 11.75
CA LEU C 163 -48.22 -0.19 12.62
C LEU C 163 -48.68 -1.42 13.42
N ASN C 164 -49.94 -1.43 13.84
CA ASN C 164 -50.50 -2.52 14.62
C ASN C 164 -50.49 -3.90 13.94
N GLN C 165 -50.33 -3.98 12.61
CA GLN C 165 -50.19 -5.28 11.97
C GLN C 165 -48.80 -5.94 12.08
N LEU C 166 -47.85 -5.30 12.75
CA LEU C 166 -46.52 -5.87 12.86
C LEU C 166 -46.51 -6.94 13.95
N LYS C 167 -45.85 -8.06 13.67
CA LYS C 167 -45.65 -9.10 14.66
C LYS C 167 -44.15 -9.31 14.96
N LYS C 168 -43.84 -9.88 16.13
CA LYS C 168 -42.46 -10.16 16.47
C LYS C 168 -41.78 -10.86 15.31
N GLY C 169 -40.56 -10.45 14.98
CA GLY C 169 -39.82 -11.10 13.91
C GLY C 169 -39.97 -10.37 12.59
N ASP C 170 -40.84 -9.36 12.55
CA ASP C 170 -40.90 -8.52 11.36
C ASP C 170 -39.72 -7.56 11.39
N VAL C 171 -39.40 -7.05 10.21
CA VAL C 171 -38.14 -6.42 10.01
C VAL C 171 -38.39 -5.05 9.40
N PHE C 172 -37.61 -4.04 9.82
CA PHE C 172 -37.58 -2.72 9.19
C PHE C 172 -36.17 -2.12 9.01
N TYR C 173 -36.04 -1.14 8.12
CA TYR C 173 -34.75 -0.57 7.74
C TYR C 173 -34.75 0.94 7.88
N VAL C 174 -33.83 1.44 8.69
CA VAL C 174 -33.64 2.86 8.81
C VAL C 174 -32.36 3.26 8.09
N SER C 175 -32.50 3.97 6.97
CA SER C 175 -31.37 4.43 6.18
C SER C 175 -31.00 5.87 6.56
N SER C 176 -29.73 6.11 6.91
CA SER C 176 -29.26 7.49 7.05
C SER C 176 -27.75 7.66 6.80
N LEU C 177 -27.35 8.84 6.33
CA LEU C 177 -25.93 9.16 6.22
C LEU C 177 -25.12 8.03 5.59
N GLY C 178 -25.57 7.57 4.43
CA GLY C 178 -24.84 6.56 3.68
C GLY C 178 -24.94 5.14 4.21
N GLN C 179 -25.71 4.93 5.28
CA GLN C 179 -25.81 3.57 5.85
C GLN C 179 -27.23 3.09 6.28
N THR C 180 -27.59 1.89 5.84
CA THR C 180 -28.89 1.27 6.15
C THR C 180 -28.82 0.35 7.38
N LEU C 181 -29.57 0.67 8.44
CA LEU C 181 -29.55 -0.12 9.68
C LEU C 181 -30.74 -1.06 9.72
N LYS C 182 -30.53 -2.35 10.00
CA LYS C 182 -31.66 -3.28 9.99
C LYS C 182 -32.10 -3.62 11.39
N TYR C 183 -33.41 -3.69 11.60
CA TYR C 183 -33.95 -3.97 12.91
C TYR C 183 -35.02 -5.05 12.86
N GLU C 184 -35.21 -5.76 13.95
CA GLU C 184 -36.19 -6.82 13.95
C GLU C 184 -37.14 -6.62 15.12
N VAL C 185 -38.44 -6.65 14.85
CA VAL C 185 -39.41 -6.34 15.89
C VAL C 185 -39.34 -7.44 16.92
N ASN C 186 -39.26 -7.07 18.19
CA ASN C 186 -39.24 -8.08 19.21
C ASN C 186 -40.01 -7.69 20.47
N ASP C 187 -40.88 -6.70 20.35
CA ASP C 187 -41.63 -6.21 21.52
C ASP C 187 -42.72 -5.23 21.15
N ILE C 188 -43.97 -5.65 21.30
CA ILE C 188 -45.10 -4.83 20.96
C ILE C 188 -45.86 -4.53 22.23
N THR C 189 -46.35 -3.31 22.37
CA THR C 189 -46.96 -2.88 23.61
C THR C 189 -47.92 -1.69 23.40
N VAL C 190 -48.98 -1.62 24.19
CA VAL C 190 -49.91 -0.51 24.14
C VAL C 190 -49.89 0.04 25.55
N VAL C 191 -49.64 1.35 25.70
CA VAL C 191 -49.64 1.99 27.01
C VAL C 191 -50.39 3.33 27.01
N LYS C 192 -50.51 3.92 28.19
CA LYS C 192 -51.01 5.28 28.32
C LYS C 192 -49.94 6.31 27.90
N PRO C 193 -50.37 7.50 27.44
CA PRO C 193 -49.43 8.48 26.92
C PRO C 193 -48.25 8.79 27.86
N GLU C 194 -48.57 8.95 29.14
CA GLU C 194 -47.56 9.39 30.09
C GLU C 194 -46.43 8.37 30.34
N GLU C 195 -46.66 7.11 29.94
CA GLU C 195 -45.75 6.00 30.30
C GLU C 195 -44.62 5.80 29.28
N THR C 196 -43.52 6.48 29.52
CA THR C 196 -42.42 6.48 28.55
C THR C 196 -41.25 5.69 29.09
N ASP C 197 -41.39 5.13 30.27
CA ASP C 197 -40.28 4.41 30.87
C ASP C 197 -39.66 3.39 29.91
N SER C 198 -40.44 2.85 29.00
CA SER C 198 -39.88 1.82 28.10
C SER C 198 -39.16 2.41 26.90
N LEU C 199 -39.11 3.73 26.79
CA LEU C 199 -38.43 4.40 25.68
C LEU C 199 -37.00 4.79 26.03
N ARG C 200 -36.71 4.80 27.32
CA ARG C 200 -35.39 5.14 27.81
C ARG C 200 -34.29 4.31 27.14
N LYS C 201 -33.07 4.84 27.16
CA LYS C 201 -31.88 4.19 26.66
C LYS C 201 -31.55 2.93 27.45
N VAL C 202 -31.43 1.79 26.78
CA VAL C 202 -31.05 0.54 27.46
C VAL C 202 -29.63 0.12 27.11
N PRO C 203 -28.74 0.15 28.11
CA PRO C 203 -27.28 -0.08 27.95
C PRO C 203 -26.91 -1.41 27.32
N GLY C 204 -26.08 -1.35 26.28
CA GLY C 204 -25.67 -2.55 25.56
C GLY C 204 -26.47 -2.79 24.29
N ARG C 205 -27.74 -2.38 24.31
CA ARG C 205 -28.66 -2.69 23.22
C ARG C 205 -28.79 -1.57 22.19
N ASP C 206 -29.03 -1.97 20.97
CA ASP C 206 -29.24 -1.08 19.85
C ASP C 206 -30.71 -1.23 19.40
N LEU C 207 -31.58 -0.33 19.88
CA LEU C 207 -33.04 -0.43 19.70
C LEU C 207 -33.67 0.77 18.97
N VAL C 208 -34.67 0.52 18.13
CA VAL C 208 -35.50 1.60 17.60
C VAL C 208 -36.97 1.28 17.90
N THR C 209 -37.65 2.13 18.67
CA THR C 209 -39.09 1.92 18.88
C THR C 209 -39.91 2.84 17.95
N LEU C 210 -40.91 2.28 17.29
CA LEU C 210 -41.82 3.04 16.46
C LEU C 210 -43.08 3.31 17.27
N ILE C 211 -43.44 4.57 17.42
CA ILE C 211 -44.56 4.89 18.28
C ILE C 211 -45.67 5.51 17.43
N THR C 212 -46.92 5.19 17.79
CA THR C 212 -48.07 5.81 17.15
C THR C 212 -49.17 5.94 18.17
N CYS C 213 -50.21 6.69 17.84
CA CYS C 213 -51.36 6.78 18.73
C CYS C 213 -52.37 5.72 18.35
N THR C 214 -53.09 5.20 19.34
CA THR C 214 -53.99 4.09 19.10
C THR C 214 -55.07 4.10 20.17
N PRO C 215 -56.25 3.48 19.91
CA PRO C 215 -56.73 2.84 18.67
C PRO C 215 -57.10 3.82 17.59
N TYR C 216 -57.16 3.38 16.33
CA TYR C 216 -57.61 4.26 15.26
C TYR C 216 -58.93 4.84 15.65
N GLY C 217 -59.07 6.14 15.47
CA GLY C 217 -60.34 6.80 15.70
C GLY C 217 -60.41 7.35 17.10
N VAL C 218 -59.56 6.86 18.00
CA VAL C 218 -59.68 7.27 19.40
C VAL C 218 -58.39 7.76 20.08
N ASN C 219 -57.25 7.17 19.78
CA ASN C 219 -55.97 7.81 20.10
C ASN C 219 -55.78 8.07 21.59
N SER C 220 -56.39 7.26 22.43
CA SER C 220 -56.25 7.50 23.86
C SER C 220 -55.00 6.82 24.39
N HIS C 221 -54.39 5.99 23.56
CA HIS C 221 -53.27 5.17 24.02
C HIS C 221 -52.11 5.25 23.05
N ARG C 222 -51.00 4.65 23.41
CA ARG C 222 -49.87 4.69 22.52
C ARG C 222 -49.47 3.28 22.18
N LEU C 223 -49.18 3.05 20.92
CA LEU C 223 -48.70 1.76 20.45
C LEU C 223 -47.18 1.83 20.24
N LEU C 224 -46.43 1.04 21.00
CA LEU C 224 -44.97 1.00 20.95
C LEU C 224 -44.42 -0.28 20.32
N VAL C 225 -44.00 -0.23 19.06
CA VAL C 225 -43.36 -1.36 18.42
C VAL C 225 -41.84 -1.24 18.40
N THR C 226 -41.16 -1.99 19.27
CA THR C 226 -39.73 -1.89 19.49
C THR C 226 -38.93 -2.91 18.68
N GLY C 227 -37.94 -2.43 17.93
CA GLY C 227 -37.09 -3.26 17.11
C GLY C 227 -35.68 -3.33 17.68
N GLU C 228 -34.99 -4.45 17.47
CA GLU C 228 -33.62 -4.56 17.95
C GLU C 228 -32.65 -4.75 16.80
N ARG C 229 -31.49 -4.08 16.87
CA ARG C 229 -30.54 -4.09 15.78
C ARG C 229 -30.15 -5.50 15.41
N VAL C 230 -30.13 -5.76 14.12
CA VAL C 230 -29.82 -7.06 13.59
C VAL C 230 -28.83 -6.92 12.43
N PRO C 231 -27.68 -7.64 12.50
CA PRO C 231 -26.71 -7.64 11.41
C PRO C 231 -27.29 -8.18 10.09
N MET C 232 -26.66 -7.82 8.97
CA MET C 232 -27.07 -8.29 7.65
C MET C 232 -26.17 -9.42 7.14
N SER D 49 22.67 -12.17 -0.46
CA SER D 49 23.63 -13.23 -0.16
C SER D 49 24.30 -13.71 -1.43
N ALA D 50 23.61 -13.50 -2.56
CA ALA D 50 24.19 -13.72 -3.89
C ALA D 50 24.86 -12.40 -4.26
N GLY D 51 26.08 -12.48 -4.75
CA GLY D 51 26.82 -11.27 -5.11
C GLY D 51 26.35 -10.74 -6.44
N PRO D 52 26.80 -9.53 -6.80
CA PRO D 52 26.35 -8.94 -8.06
C PRO D 52 26.69 -9.83 -9.24
N GLU D 53 27.71 -10.66 -9.09
CA GLU D 53 28.19 -11.54 -10.15
C GLU D 53 27.21 -12.68 -10.44
N THR D 54 26.91 -13.44 -9.40
CA THR D 54 25.90 -14.46 -9.45
C THR D 54 24.57 -13.89 -9.97
N ILE D 55 24.18 -12.73 -9.45
CA ILE D 55 22.94 -12.13 -9.89
C ILE D 55 22.94 -11.93 -11.43
N ALA D 56 24.05 -11.39 -11.94
CA ALA D 56 24.14 -11.04 -13.37
C ALA D 56 24.04 -12.24 -14.28
N LYS D 57 24.54 -13.39 -13.83
CA LYS D 57 24.46 -14.56 -14.68
C LYS D 57 23.12 -15.33 -14.52
N GLU D 58 22.45 -15.15 -13.39
CA GLU D 58 21.07 -15.58 -13.31
C GLU D 58 20.26 -14.74 -14.29
N ARG D 59 20.63 -13.48 -14.45
CA ARG D 59 19.94 -12.66 -15.42
C ARG D 59 20.15 -13.15 -16.85
N ALA D 60 21.39 -13.42 -17.19
CA ALA D 60 21.72 -13.87 -18.53
C ALA D 60 20.87 -15.08 -18.84
N SER D 61 20.87 -16.02 -17.91
CA SER D 61 20.13 -17.27 -18.01
C SER D 61 18.62 -17.05 -18.22
N ALA D 62 18.07 -16.03 -17.58
CA ALA D 62 16.64 -15.76 -17.71
C ALA D 62 16.41 -15.33 -19.14
N GLU D 63 17.30 -14.47 -19.62
CA GLU D 63 17.25 -13.94 -20.98
C GLU D 63 17.39 -15.06 -22.00
N THR D 64 18.28 -16.01 -21.72
CA THR D 64 18.45 -17.19 -22.56
C THR D 64 17.17 -18.04 -22.56
N TYR D 65 16.48 -18.11 -21.43
CA TYR D 65 15.25 -18.90 -21.31
C TYR D 65 14.14 -18.31 -22.16
N ASN D 66 14.11 -16.98 -22.24
CA ASN D 66 13.12 -16.31 -23.08
C ASN D 66 13.29 -16.68 -24.55
N ASN D 67 14.53 -16.81 -25.00
CA ASN D 67 14.82 -16.86 -26.43
C ASN D 67 14.09 -17.73 -27.50
N ASN D 68 13.97 -19.07 -27.46
CA ASN D 68 14.19 -20.08 -26.40
C ASN D 68 12.91 -20.57 -25.72
N LEU D 69 12.02 -19.64 -25.35
CA LEU D 69 10.69 -20.00 -24.87
C LEU D 69 9.74 -20.18 -26.05
N GLU D 70 9.15 -21.37 -26.13
CA GLU D 70 8.26 -21.75 -27.22
C GLU D 70 6.86 -21.16 -27.03
N SER D 71 6.48 -20.26 -27.92
CA SER D 71 5.21 -19.53 -27.83
C SER D 71 4.05 -20.48 -28.07
N ALA D 72 3.16 -20.57 -27.08
CA ALA D 72 1.99 -21.47 -27.10
C ALA D 72 0.66 -20.76 -26.78
N PRO D 73 -0.46 -21.48 -26.94
CA PRO D 73 -1.78 -21.04 -26.46
C PRO D 73 -1.77 -20.61 -24.99
N ILE D 74 -2.17 -19.38 -24.73
CA ILE D 74 -2.30 -18.84 -23.37
C ILE D 74 -3.70 -19.08 -22.80
N LEU D 75 -3.78 -19.78 -21.67
CA LEU D 75 -5.08 -20.07 -21.06
C LEU D 75 -5.28 -19.28 -19.78
N ASP D 76 -6.50 -18.81 -19.55
CA ASP D 76 -6.78 -17.96 -18.40
C ASP D 76 -6.30 -18.61 -17.09
N PRO D 77 -5.53 -17.86 -16.27
CA PRO D 77 -4.90 -18.41 -15.06
C PRO D 77 -5.84 -18.70 -13.89
N TRP D 78 -7.06 -18.19 -13.94
CA TRP D 78 -8.02 -18.44 -12.87
C TRP D 78 -8.88 -19.64 -13.23
N LEU D 79 -9.35 -19.68 -14.47
CA LEU D 79 -10.27 -20.72 -14.88
C LEU D 79 -9.53 -21.98 -15.22
N GLU D 80 -8.54 -21.85 -16.09
CA GLU D 80 -7.89 -23.05 -16.59
C GLU D 80 -6.95 -23.65 -15.60
N SER D 81 -7.56 -24.17 -14.53
CA SER D 81 -6.94 -25.09 -13.59
C SER D 81 -5.48 -24.76 -13.33
N GLN D 82 -4.82 -25.62 -12.58
CA GLN D 82 -3.44 -25.36 -12.31
C GLN D 82 -2.66 -25.63 -13.60
N ARG D 83 -1.34 -25.53 -13.48
CA ARG D 83 -0.40 -26.30 -14.27
C ARG D 83 0.36 -27.06 -13.20
N PRO D 84 1.12 -28.09 -13.59
CA PRO D 84 1.46 -28.91 -12.43
C PRO D 84 2.92 -29.30 -12.20
N ASP D 85 3.41 -30.29 -12.97
CA ASP D 85 4.70 -31.00 -12.76
C ASP D 85 5.32 -31.60 -14.05
N THR D 86 5.46 -30.79 -15.08
CA THR D 86 6.05 -31.22 -16.34
C THR D 86 7.52 -30.82 -16.37
N PRO D 87 8.29 -31.30 -17.37
CA PRO D 87 9.70 -30.86 -17.43
C PRO D 87 9.77 -29.37 -17.69
N GLN D 88 8.98 -28.90 -18.65
CA GLN D 88 8.99 -27.50 -19.04
C GLN D 88 8.79 -26.57 -17.84
N TYR D 89 7.85 -26.93 -17.00
CA TYR D 89 7.53 -26.14 -15.82
C TYR D 89 8.67 -26.22 -14.82
N GLN D 90 9.27 -27.40 -14.72
CA GLN D 90 10.34 -27.57 -13.76
C GLN D 90 11.52 -26.74 -14.15
N ALA D 91 11.74 -26.60 -15.46
CA ALA D 91 12.83 -25.78 -15.96
C ALA D 91 12.52 -24.32 -15.68
N TYR D 92 11.24 -23.98 -15.78
CA TYR D 92 10.79 -22.62 -15.50
C TYR D 92 11.04 -22.30 -14.04
N LEU D 93 10.80 -23.26 -13.16
CA LEU D 93 10.91 -23.01 -11.73
C LEU D 93 12.35 -22.78 -11.33
N HIS D 94 13.29 -23.23 -12.16
CA HIS D 94 14.72 -23.09 -11.86
C HIS D 94 15.33 -21.86 -12.51
N GLU D 95 14.50 -21.00 -13.10
CA GLU D 95 14.97 -19.75 -13.67
C GLU D 95 14.54 -18.66 -12.70
N MET D 96 15.36 -17.63 -12.54
CA MET D 96 15.05 -16.54 -11.62
C MET D 96 14.76 -16.98 -10.18
N ASP D 97 15.57 -17.91 -9.68
CA ASP D 97 15.35 -18.43 -8.34
C ASP D 97 16.59 -18.38 -7.45
N ILE D 98 17.30 -17.25 -7.42
CA ILE D 98 18.33 -17.14 -6.39
C ILE D 98 17.71 -16.63 -5.09
N ASP D 99 16.52 -16.05 -5.19
CA ASP D 99 15.79 -15.58 -4.02
C ASP D 99 14.38 -16.16 -4.10
N PRO D 100 13.65 -16.20 -2.96
CA PRO D 100 12.29 -16.74 -3.02
C PRO D 100 11.38 -15.90 -3.91
N VAL D 101 11.70 -14.62 -4.03
CA VAL D 101 10.96 -13.66 -4.84
C VAL D 101 11.55 -13.53 -6.23
N MET D 102 10.72 -13.63 -7.27
CA MET D 102 11.20 -13.55 -8.65
C MET D 102 11.53 -12.11 -9.10
N ALA D 103 10.71 -11.15 -8.68
CA ALA D 103 10.90 -9.78 -9.08
C ALA D 103 10.02 -8.90 -8.23
N ARG D 104 10.11 -7.58 -8.38
CA ARG D 104 9.17 -6.69 -7.72
C ARG D 104 8.61 -5.72 -8.70
N ILE D 105 7.35 -5.35 -8.51
CA ILE D 105 6.71 -4.32 -9.33
C ILE D 105 6.31 -3.19 -8.42
N VAL D 106 6.73 -1.96 -8.70
CA VAL D 106 6.06 -0.82 -8.10
C VAL D 106 5.25 -0.02 -9.13
N ILE D 107 4.00 0.26 -8.78
CA ILE D 107 3.13 1.08 -9.59
C ILE D 107 2.77 2.26 -8.69
N PRO D 108 3.58 3.32 -8.73
CA PRO D 108 3.51 4.33 -7.68
C PRO D 108 2.18 5.09 -7.64
N SER D 109 1.54 5.29 -8.78
CA SER D 109 0.35 6.13 -8.80
C SER D 109 -0.85 5.46 -8.11
N ILE D 110 -0.78 4.13 -7.92
CA ILE D 110 -1.79 3.41 -7.14
C ILE D 110 -1.22 2.72 -5.92
N HIS D 111 0.01 3.07 -5.56
CA HIS D 111 0.59 2.61 -4.30
C HIS D 111 0.79 1.11 -4.21
N VAL D 112 1.11 0.51 -5.34
CA VAL D 112 1.42 -0.90 -5.42
C VAL D 112 2.91 -1.14 -5.31
N SER D 113 3.29 -2.07 -4.44
CA SER D 113 4.68 -2.43 -4.28
C SER D 113 4.69 -3.88 -3.82
N LEU D 114 4.81 -4.78 -4.78
CA LEU D 114 4.53 -6.18 -4.53
C LEU D 114 5.64 -7.04 -5.07
N PRO D 115 5.88 -8.19 -4.41
CA PRO D 115 6.77 -9.24 -4.90
C PRO D 115 6.07 -9.98 -5.99
N ILE D 116 6.83 -10.49 -6.97
CA ILE D 116 6.33 -11.35 -8.04
C ILE D 116 6.89 -12.74 -7.83
N TYR D 117 6.08 -13.77 -8.04
CA TYR D 117 6.49 -15.15 -7.75
C TYR D 117 6.24 -16.03 -8.93
N HIS D 118 6.89 -17.18 -8.97
CA HIS D 118 6.69 -18.14 -10.04
C HIS D 118 5.23 -18.60 -10.12
N GLY D 119 4.70 -18.67 -11.34
CA GLY D 119 3.40 -19.29 -11.57
C GLY D 119 2.21 -18.54 -11.03
N THR D 120 1.03 -19.15 -11.13
CA THR D 120 -0.17 -18.44 -10.76
C THR D 120 -1.14 -19.23 -9.92
N ASP D 121 -0.66 -20.23 -9.21
CA ASP D 121 -1.53 -20.98 -8.29
C ASP D 121 -2.29 -20.00 -7.38
N SER D 122 -3.57 -20.29 -7.11
CA SER D 122 -4.39 -19.38 -6.29
C SER D 122 -3.77 -19.06 -4.92
N ARG D 123 -3.00 -19.98 -4.36
CA ARG D 123 -2.30 -19.73 -3.08
C ARG D 123 -1.07 -18.84 -3.25
N THR D 124 -0.40 -18.94 -4.40
CA THR D 124 0.62 -17.96 -4.75
C THR D 124 0.03 -16.57 -4.82
N LEU D 125 -1.14 -16.44 -5.45
CA LEU D 125 -1.75 -15.13 -5.67
C LEU D 125 -2.20 -14.47 -4.36
N THR D 126 -2.09 -15.23 -3.29
CA THR D 126 -2.42 -14.81 -1.93
C THR D 126 -1.26 -14.08 -1.26
N GLU D 127 -0.04 -14.36 -1.73
CA GLU D 127 1.21 -13.77 -1.21
C GLU D 127 1.71 -12.61 -2.06
N GLY D 128 1.29 -12.54 -3.31
CA GLY D 128 1.82 -11.53 -4.21
C GLY D 128 1.37 -11.66 -5.65
N VAL D 129 2.10 -11.03 -6.56
CA VAL D 129 1.75 -11.10 -7.96
C VAL D 129 2.21 -12.45 -8.51
N GLY D 130 1.47 -13.03 -9.45
CA GLY D 130 1.90 -14.30 -10.00
C GLY D 130 2.37 -14.03 -11.40
N HIS D 131 3.38 -14.77 -11.84
CA HIS D 131 3.83 -14.59 -13.21
C HIS D 131 3.24 -15.69 -14.09
N LEU D 132 2.65 -15.31 -15.21
CA LEU D 132 1.93 -16.28 -16.04
C LEU D 132 2.89 -17.22 -16.79
N PHE D 133 3.02 -18.44 -16.29
CA PHE D 133 3.88 -19.42 -16.94
C PHE D 133 3.53 -19.50 -18.41
N GLY D 134 4.55 -19.50 -19.25
CA GLY D 134 4.33 -19.65 -20.67
C GLY D 134 4.50 -18.33 -21.38
N THR D 135 4.49 -17.26 -20.59
CA THR D 135 4.84 -15.95 -21.10
C THR D 135 6.25 -15.58 -20.68
N SER D 136 6.80 -14.53 -21.28
CA SER D 136 8.19 -14.20 -21.08
C SER D 136 8.47 -13.93 -19.60
N LEU D 137 9.71 -14.25 -19.17
CA LEU D 137 10.17 -13.89 -17.83
C LEU D 137 10.30 -12.38 -17.78
N PRO D 138 10.07 -11.76 -16.60
CA PRO D 138 10.05 -10.29 -16.65
C PRO D 138 11.45 -9.69 -16.51
N VAL D 139 12.24 -9.83 -17.58
CA VAL D 139 13.59 -9.29 -17.57
C VAL D 139 13.73 -8.39 -18.76
N GLY D 140 12.60 -8.11 -19.42
CA GLY D 140 12.62 -7.23 -20.58
C GLY D 140 13.36 -7.76 -21.80
N GLY D 141 13.33 -6.96 -22.87
CA GLY D 141 13.97 -7.34 -24.12
C GLY D 141 13.03 -7.14 -25.29
N PRO D 142 13.59 -7.04 -26.51
CA PRO D 142 12.74 -6.91 -27.70
C PRO D 142 11.99 -8.21 -27.90
N SER D 143 10.77 -8.15 -28.42
CA SER D 143 9.99 -9.37 -28.59
C SER D 143 9.82 -10.17 -27.28
N THR D 144 9.58 -9.46 -26.17
CA THR D 144 9.14 -10.12 -24.94
C THR D 144 7.76 -9.62 -24.48
N HIS D 145 6.93 -10.56 -24.03
CA HIS D 145 5.67 -10.16 -23.42
C HIS D 145 5.48 -10.94 -22.14
N SER D 146 5.63 -10.24 -21.02
CA SER D 146 5.52 -10.85 -19.72
C SER D 146 4.14 -10.53 -19.12
N VAL D 147 3.46 -11.53 -18.63
CA VAL D 147 2.15 -11.28 -18.03
C VAL D 147 2.21 -11.53 -16.53
N LEU D 148 1.78 -10.54 -15.77
CA LEU D 148 1.73 -10.60 -14.31
C LEU D 148 0.27 -10.56 -13.86
N THR D 149 -0.08 -11.45 -12.94
CA THR D 149 -1.46 -11.58 -12.51
C THR D 149 -1.59 -11.34 -11.01
N GLY D 150 -2.70 -10.75 -10.61
CA GLY D 150 -2.88 -10.43 -9.21
C GLY D 150 -4.32 -10.51 -8.82
N HIS D 151 -4.60 -10.89 -7.58
CA HIS D 151 -6.00 -10.97 -7.14
C HIS D 151 -6.65 -9.59 -7.05
N THR D 152 -7.98 -9.57 -7.20
CA THR D 152 -8.82 -8.38 -7.01
C THR D 152 -9.95 -8.76 -6.05
N GLY D 153 -9.78 -8.40 -4.77
CA GLY D 153 -10.77 -8.71 -3.75
C GLY D 153 -10.34 -9.78 -2.77
N LEU D 154 -9.18 -9.62 -2.15
CA LEU D 154 -8.78 -10.50 -1.07
C LEU D 154 -9.10 -9.88 0.28
N SER D 155 -9.70 -10.69 1.15
CA SER D 155 -9.96 -10.32 2.53
C SER D 155 -8.74 -9.60 3.12
N THR D 156 -7.58 -10.26 2.98
CA THR D 156 -6.33 -9.85 3.63
C THR D 156 -5.54 -8.72 2.95
N ALA D 157 -5.52 -8.70 1.63
CA ALA D 157 -4.62 -7.78 0.95
C ALA D 157 -5.13 -7.11 -0.33
N THR D 158 -4.77 -5.84 -0.49
CA THR D 158 -5.10 -5.04 -1.68
C THR D 158 -4.75 -5.72 -3.03
N MET D 159 -3.51 -6.20 -3.17
CA MET D 159 -3.03 -6.77 -4.44
C MET D 159 -3.28 -5.84 -5.66
N PHE D 160 -3.98 -6.34 -6.67
CA PHE D 160 -4.22 -5.54 -7.87
C PHE D 160 -5.57 -4.85 -7.88
N ASP D 161 -6.18 -4.69 -6.71
CA ASP D 161 -7.48 -4.07 -6.64
C ASP D 161 -7.62 -2.79 -7.47
N ASN D 162 -6.62 -1.93 -7.38
CA ASN D 162 -6.76 -0.56 -7.89
C ASN D 162 -6.16 -0.41 -9.26
N LEU D 163 -6.00 -1.55 -9.93
CA LEU D 163 -5.54 -1.57 -11.29
C LEU D 163 -6.47 -0.70 -12.13
N ASN D 164 -7.78 -0.88 -11.95
CA ASN D 164 -8.76 -0.13 -12.73
C ASN D 164 -8.54 1.38 -12.72
N GLN D 165 -7.82 1.89 -11.73
CA GLN D 165 -7.56 3.34 -11.65
C GLN D 165 -6.47 3.87 -12.59
N LEU D 166 -5.67 2.98 -13.17
CA LEU D 166 -4.62 3.38 -14.11
C LEU D 166 -5.15 3.92 -15.44
N LYS D 167 -4.38 4.82 -16.04
CA LYS D 167 -4.72 5.45 -17.30
C LYS D 167 -3.57 5.32 -18.31
N LYS D 168 -3.85 5.45 -19.61
CA LYS D 168 -2.77 5.51 -20.58
C LYS D 168 -1.73 6.50 -20.02
N GLY D 169 -0.46 6.21 -20.22
CA GLY D 169 0.58 7.12 -19.78
C GLY D 169 1.09 6.95 -18.36
N ASP D 170 0.37 6.17 -17.55
CA ASP D 170 0.82 5.89 -16.19
C ASP D 170 1.98 4.90 -16.24
N VAL D 171 2.77 4.87 -15.17
CA VAL D 171 4.04 4.19 -15.25
C VAL D 171 4.21 3.12 -14.17
N PHE D 172 4.86 2.01 -14.54
CA PHE D 172 5.25 1.02 -13.55
C PHE D 172 6.65 0.48 -13.77
N TYR D 173 7.29 0.06 -12.68
CA TYR D 173 8.66 -0.44 -12.67
C TYR D 173 8.74 -1.89 -12.18
N VAL D 174 9.42 -2.73 -12.95
CA VAL D 174 9.61 -4.13 -12.65
C VAL D 174 11.10 -4.29 -12.45
N SER D 175 11.53 -4.52 -11.22
CA SER D 175 12.94 -4.79 -10.91
C SER D 175 13.19 -6.28 -10.75
N SER D 176 14.25 -6.75 -11.39
CA SER D 176 14.66 -8.16 -11.24
C SER D 176 16.15 -8.32 -11.51
N LEU D 177 16.82 -9.20 -10.77
CA LEU D 177 18.17 -9.56 -11.08
C LEU D 177 19.04 -8.34 -11.49
N GLY D 178 19.03 -7.29 -10.68
CA GLY D 178 19.99 -6.22 -10.79
C GLY D 178 19.61 -5.06 -11.69
N GLN D 179 18.48 -5.17 -12.36
CA GLN D 179 18.06 -4.18 -13.31
C GLN D 179 16.60 -3.81 -13.10
N THR D 180 16.30 -2.51 -13.16
CA THR D 180 14.93 -2.05 -13.06
C THR D 180 14.47 -1.59 -14.43
N LEU D 181 13.29 -2.05 -14.85
CA LEU D 181 12.71 -1.81 -16.15
C LEU D 181 11.51 -0.89 -16.03
N LYS D 182 11.44 0.15 -16.85
CA LYS D 182 10.33 1.07 -16.76
C LYS D 182 9.35 0.79 -17.89
N TYR D 183 8.06 0.77 -17.58
CA TYR D 183 7.01 0.57 -18.56
C TYR D 183 6.00 1.68 -18.48
N GLU D 184 5.32 1.96 -19.58
CA GLU D 184 4.20 2.89 -19.49
C GLU D 184 2.93 2.34 -20.11
N VAL D 185 1.82 2.51 -19.40
CA VAL D 185 0.56 1.97 -19.86
C VAL D 185 0.22 2.59 -21.21
N ASN D 186 -0.10 1.76 -22.20
CA ASN D 186 -0.60 2.31 -23.46
C ASN D 186 -1.90 1.65 -23.95
N ASP D 187 -2.46 0.79 -23.11
CA ASP D 187 -3.74 0.16 -23.39
C ASP D 187 -4.41 -0.43 -22.14
N ILE D 188 -5.71 -0.20 -22.01
CA ILE D 188 -6.48 -0.75 -20.91
C ILE D 188 -7.76 -1.37 -21.49
N THR D 189 -7.97 -2.66 -21.26
CA THR D 189 -9.10 -3.33 -21.87
C THR D 189 -9.79 -4.33 -20.94
N VAL D 190 -11.10 -4.43 -21.06
CA VAL D 190 -11.86 -5.45 -20.35
C VAL D 190 -12.25 -6.51 -21.36
N VAL D 191 -12.01 -7.76 -21.02
CA VAL D 191 -12.07 -8.82 -22.01
C VAL D 191 -12.66 -10.08 -21.35
N LYS D 192 -13.02 -11.09 -22.12
CA LYS D 192 -13.51 -12.32 -21.51
C LYS D 192 -12.36 -13.28 -21.23
N PRO D 193 -12.57 -14.21 -20.31
CA PRO D 193 -11.51 -15.17 -19.97
C PRO D 193 -10.89 -15.95 -21.16
N GLU D 194 -11.63 -16.23 -22.23
CA GLU D 194 -11.02 -16.95 -23.35
C GLU D 194 -10.20 -16.03 -24.26
N GLU D 195 -10.53 -14.75 -24.25
CA GLU D 195 -9.90 -13.77 -25.13
C GLU D 195 -8.49 -13.49 -24.64
N THR D 196 -7.57 -14.26 -25.18
CA THR D 196 -6.27 -14.45 -24.60
C THR D 196 -5.24 -13.89 -25.57
N ASP D 197 -5.72 -13.30 -26.66
CA ASP D 197 -4.88 -12.97 -27.80
C ASP D 197 -3.98 -11.77 -27.57
N SER D 198 -4.41 -10.82 -26.74
CA SER D 198 -3.61 -9.61 -26.54
C SER D 198 -2.48 -9.86 -25.57
N LEU D 199 -2.46 -11.07 -25.02
CA LEU D 199 -1.43 -11.46 -24.06
C LEU D 199 -0.29 -12.15 -24.77
N ARG D 200 -0.40 -12.29 -26.08
CA ARG D 200 0.57 -13.07 -26.83
C ARG D 200 1.76 -12.23 -27.25
N LYS D 201 2.88 -12.90 -27.47
CA LYS D 201 4.14 -12.23 -27.81
C LYS D 201 3.98 -11.34 -29.04
N VAL D 202 4.76 -10.27 -29.12
CA VAL D 202 4.58 -9.31 -30.20
C VAL D 202 5.89 -8.74 -30.75
N PRO D 203 6.48 -9.44 -31.75
CA PRO D 203 7.72 -9.13 -32.48
C PRO D 203 8.13 -7.66 -32.46
N GLY D 204 9.31 -7.38 -31.94
CA GLY D 204 9.85 -6.02 -31.93
C GLY D 204 9.52 -5.25 -30.68
N ARG D 205 8.47 -5.68 -29.98
CA ARG D 205 8.02 -4.95 -28.80
C ARG D 205 8.39 -5.60 -27.46
N ASP D 206 8.64 -4.74 -26.48
CA ASP D 206 8.90 -5.12 -25.11
C ASP D 206 7.68 -4.70 -24.27
N LEU D 207 6.85 -5.67 -23.91
CA LEU D 207 5.56 -5.44 -23.23
C LEU D 207 5.38 -6.21 -21.90
N VAL D 208 4.74 -5.59 -20.91
CA VAL D 208 4.27 -6.29 -19.71
C VAL D 208 2.77 -6.05 -19.56
N THR D 209 2.00 -7.12 -19.34
CA THR D 209 0.58 -6.94 -19.11
C THR D 209 0.24 -7.30 -17.67
N LEU D 210 -0.47 -6.40 -17.01
CA LEU D 210 -0.99 -6.65 -15.69
C LEU D 210 -2.44 -7.11 -15.81
N ILE D 211 -2.73 -8.34 -15.41
CA ILE D 211 -4.08 -8.85 -15.57
C ILE D 211 -4.71 -9.18 -14.25
N THR D 212 -5.98 -8.83 -14.10
CA THR D 212 -6.74 -9.08 -12.86
C THR D 212 -8.18 -9.36 -13.25
N CYS D 213 -8.93 -10.04 -12.36
CA CYS D 213 -10.37 -10.28 -12.61
C CYS D 213 -11.18 -9.03 -12.35
N THR D 214 -12.34 -8.94 -12.99
CA THR D 214 -13.17 -7.75 -12.93
C THR D 214 -14.57 -8.08 -13.44
N PRO D 215 -15.60 -7.37 -12.94
CA PRO D 215 -15.55 -6.35 -11.90
C PRO D 215 -15.27 -6.99 -10.54
N TYR D 216 -14.84 -6.19 -9.58
CA TYR D 216 -14.66 -6.64 -8.21
C TYR D 216 -15.90 -7.41 -7.78
N GLY D 217 -15.73 -8.57 -7.18
CA GLY D 217 -16.89 -9.27 -6.66
C GLY D 217 -17.64 -10.17 -7.64
N VAL D 218 -17.63 -9.84 -8.92
CA VAL D 218 -18.28 -10.71 -9.88
C VAL D 218 -17.34 -11.51 -10.82
N ASN D 219 -16.17 -10.95 -11.17
CA ASN D 219 -15.07 -11.74 -11.77
C ASN D 219 -15.40 -12.55 -13.02
N SER D 220 -16.39 -12.13 -13.78
CA SER D 220 -16.73 -12.83 -15.00
C SER D 220 -15.76 -12.45 -16.13
N HIS D 221 -15.10 -11.30 -15.98
CA HIS D 221 -14.22 -10.79 -17.04
C HIS D 221 -12.79 -10.55 -16.53
N ARG D 222 -11.93 -10.04 -17.40
CA ARG D 222 -10.56 -9.76 -17.03
C ARG D 222 -10.19 -8.33 -17.40
N LEU D 223 -9.45 -7.65 -16.54
CA LEU D 223 -8.96 -6.33 -16.85
C LEU D 223 -7.50 -6.46 -17.26
N LEU D 224 -7.15 -6.04 -18.48
CA LEU D 224 -5.77 -6.14 -18.96
C LEU D 224 -5.16 -4.77 -19.08
N VAL D 225 -4.18 -4.47 -18.24
CA VAL D 225 -3.40 -3.24 -18.41
C VAL D 225 -2.05 -3.58 -19.05
N THR D 226 -1.83 -3.09 -20.26
CA THR D 226 -0.62 -3.40 -21.03
C THR D 226 0.30 -2.19 -21.10
N GLY D 227 1.52 -2.34 -20.60
CA GLY D 227 2.51 -1.28 -20.65
C GLY D 227 3.62 -1.68 -21.61
N GLU D 228 4.33 -0.70 -22.15
CA GLU D 228 5.39 -1.01 -23.10
C GLU D 228 6.67 -0.37 -22.59
N ARG D 229 7.84 -0.97 -22.87
CA ARG D 229 9.08 -0.43 -22.31
C ARG D 229 9.38 0.96 -22.79
N VAL D 230 9.69 1.82 -21.85
CA VAL D 230 10.13 3.16 -22.20
C VAL D 230 11.53 3.42 -21.66
N PRO D 231 12.40 4.04 -22.49
CA PRO D 231 13.77 4.38 -22.12
C PRO D 231 13.80 5.25 -20.88
N MET D 232 14.90 5.13 -20.14
CA MET D 232 15.01 5.76 -18.86
C MET D 232 16.30 6.60 -18.79
N PRO E 52 -53.98 9.19 -0.56
CA PRO E 52 -54.36 7.86 -0.04
C PRO E 52 -55.47 7.28 -0.89
N GLU E 53 -56.42 8.12 -1.29
CA GLU E 53 -57.43 7.75 -2.27
C GLU E 53 -56.92 8.11 -3.66
N THR E 54 -56.19 9.21 -3.74
CA THR E 54 -55.66 9.64 -5.02
C THR E 54 -54.38 8.89 -5.40
N ILE E 55 -53.65 8.33 -4.42
CA ILE E 55 -52.55 7.45 -4.82
C ILE E 55 -53.14 6.21 -5.50
N ALA E 56 -54.22 5.69 -4.91
CA ALA E 56 -54.95 4.57 -5.51
C ALA E 56 -55.37 4.84 -6.97
N LYS E 57 -55.86 6.04 -7.24
CA LYS E 57 -56.19 6.42 -8.62
C LYS E 57 -54.96 6.22 -9.48
N GLU E 58 -53.82 6.77 -9.03
CA GLU E 58 -52.58 6.79 -9.83
C GLU E 58 -51.99 5.41 -10.02
N ARG E 59 -52.09 4.58 -8.98
CA ARG E 59 -51.56 3.25 -9.07
C ARG E 59 -52.26 2.53 -10.20
N ALA E 60 -53.59 2.57 -10.16
CA ALA E 60 -54.43 1.99 -11.22
C ALA E 60 -53.98 2.47 -12.59
N SER E 61 -53.78 3.78 -12.74
CA SER E 61 -53.35 4.34 -14.03
C SER E 61 -51.96 3.85 -14.42
N ALA E 62 -51.17 3.48 -13.43
CA ALA E 62 -49.83 2.97 -13.66
C ALA E 62 -49.88 1.54 -14.19
N GLU E 63 -50.69 0.71 -13.54
CA GLU E 63 -50.87 -0.69 -13.96
C GLU E 63 -51.44 -0.72 -15.36
N THR E 64 -52.26 0.27 -15.69
CA THR E 64 -52.84 0.38 -17.02
C THR E 64 -51.74 0.61 -18.05
N TYR E 65 -50.89 1.61 -17.80
CA TYR E 65 -49.74 1.88 -18.64
C TYR E 65 -48.95 0.60 -18.95
N ASN E 66 -48.66 -0.20 -17.95
CA ASN E 66 -47.91 -1.44 -18.18
C ASN E 66 -48.61 -2.41 -19.14
N ASN E 67 -49.88 -2.71 -18.90
CA ASN E 67 -50.63 -3.57 -19.80
C ASN E 67 -50.51 -3.13 -21.25
N ASN E 68 -50.62 -1.82 -21.48
CA ASN E 68 -50.65 -1.22 -22.82
C ASN E 68 -49.31 -1.20 -23.55
N LEU E 69 -48.24 -0.92 -22.82
CA LEU E 69 -46.88 -1.00 -23.35
C LEU E 69 -46.50 -2.48 -23.58
N GLU E 70 -45.99 -2.87 -24.75
CA GLU E 70 -45.62 -2.06 -25.94
C GLU E 70 -44.13 -2.28 -26.24
N SER E 71 -43.76 -3.52 -26.54
CA SER E 71 -42.35 -3.91 -26.67
C SER E 71 -41.64 -3.39 -27.93
N ALA E 72 -40.45 -2.83 -27.74
CA ALA E 72 -39.62 -2.35 -28.84
C ALA E 72 -38.12 -2.46 -28.51
N PRO E 73 -37.25 -2.13 -29.49
CA PRO E 73 -35.82 -2.02 -29.22
C PRO E 73 -35.51 -1.17 -27.98
N ILE E 74 -34.77 -1.76 -27.03
CA ILE E 74 -34.28 -1.01 -25.87
C ILE E 74 -32.83 -0.58 -26.05
N LEU E 75 -32.57 0.72 -25.89
CA LEU E 75 -31.24 1.23 -26.13
C LEU E 75 -30.47 1.47 -24.84
N ASP E 76 -29.15 1.52 -24.94
CA ASP E 76 -28.30 1.79 -23.78
C ASP E 76 -28.54 3.19 -23.19
N PRO E 77 -28.85 3.23 -21.89
CA PRO E 77 -29.12 4.46 -21.13
C PRO E 77 -28.06 5.54 -21.28
N TRP E 78 -26.79 5.18 -21.46
CA TRP E 78 -25.70 6.16 -21.43
C TRP E 78 -25.22 6.60 -22.80
N LEU E 79 -25.60 5.84 -23.81
CA LEU E 79 -25.21 6.16 -25.18
C LEU E 79 -26.47 6.44 -26.00
N GLU E 80 -27.00 7.66 -25.79
CA GLU E 80 -28.33 8.04 -26.25
C GLU E 80 -28.75 9.32 -25.52
N SER E 81 -28.14 9.54 -24.37
CA SER E 81 -28.55 10.62 -23.45
C SER E 81 -27.51 11.75 -23.30
N THR E 86 -41.10 11.52 -28.85
CA THR E 86 -41.19 12.74 -28.03
C THR E 86 -42.61 12.89 -27.48
N PRO E 87 -43.64 12.47 -28.25
CA PRO E 87 -45.03 12.47 -27.77
C PRO E 87 -45.29 11.34 -26.79
N GLN E 88 -44.97 10.11 -27.18
CA GLN E 88 -45.17 8.96 -26.30
C GLN E 88 -44.50 9.22 -24.96
N TYR E 89 -43.34 9.86 -25.01
CA TYR E 89 -42.57 10.23 -23.82
C TYR E 89 -43.38 11.14 -22.89
N GLN E 90 -44.09 12.09 -23.47
CA GLN E 90 -44.81 13.09 -22.67
C GLN E 90 -45.93 12.47 -21.86
N ALA E 91 -46.47 11.35 -22.36
CA ALA E 91 -47.54 10.65 -21.66
C ALA E 91 -46.92 9.88 -20.50
N TYR E 92 -45.66 9.53 -20.71
CA TYR E 92 -44.88 8.76 -19.73
C TYR E 92 -44.63 9.61 -18.48
N LEU E 93 -44.25 10.87 -18.67
CA LEU E 93 -44.05 11.78 -17.57
C LEU E 93 -45.28 11.97 -16.69
N HIS E 94 -46.45 11.67 -17.23
CA HIS E 94 -47.67 11.95 -16.49
C HIS E 94 -48.04 10.82 -15.54
N GLU E 95 -47.38 9.67 -15.72
CA GLU E 95 -47.58 8.54 -14.82
C GLU E 95 -46.73 8.70 -13.56
N MET E 96 -47.19 8.10 -12.47
CA MET E 96 -46.49 8.22 -11.20
C MET E 96 -45.90 9.62 -11.08
N ASP E 97 -46.75 10.61 -10.86
CA ASP E 97 -46.27 11.98 -10.71
C ASP E 97 -47.10 12.75 -9.67
N ILE E 98 -47.42 12.07 -8.58
CA ILE E 98 -47.96 12.76 -7.41
C ILE E 98 -46.87 13.66 -6.85
N ASP E 99 -45.63 13.16 -6.93
CA ASP E 99 -44.44 13.86 -6.49
C ASP E 99 -43.39 13.70 -7.57
N PRO E 100 -42.34 14.53 -7.51
CA PRO E 100 -41.29 14.46 -8.54
C PRO E 100 -40.58 13.10 -8.49
N VAL E 101 -40.57 12.49 -7.31
CA VAL E 101 -40.01 11.16 -7.14
C VAL E 101 -41.00 10.05 -7.58
N MET E 102 -40.68 9.35 -8.65
CA MET E 102 -41.54 8.28 -9.13
C MET E 102 -41.64 7.10 -8.15
N ALA E 103 -40.50 6.73 -7.54
CA ALA E 103 -40.46 5.61 -6.60
C ALA E 103 -39.18 5.71 -5.79
N ARG E 104 -39.00 4.80 -4.84
CA ARG E 104 -37.76 4.75 -4.08
C ARG E 104 -37.28 3.31 -4.02
N ILE E 105 -35.97 3.11 -4.00
CA ILE E 105 -35.42 1.76 -3.93
C ILE E 105 -34.43 1.69 -2.81
N VAL E 106 -34.63 0.75 -1.89
CA VAL E 106 -33.66 0.46 -0.86
C VAL E 106 -33.07 -0.94 -1.09
N ILE E 107 -31.74 -1.01 -1.10
CA ILE E 107 -31.05 -2.28 -1.20
C ILE E 107 -30.25 -2.38 0.07
N PRO E 108 -30.84 -2.99 1.08
CA PRO E 108 -30.25 -2.87 2.43
C PRO E 108 -28.81 -3.35 2.50
N SER E 109 -28.50 -4.51 1.93
CA SER E 109 -27.18 -5.12 2.16
C SER E 109 -26.03 -4.30 1.61
N ILE E 110 -26.28 -3.46 0.60
CA ILE E 110 -25.25 -2.54 0.12
C ILE E 110 -25.54 -1.07 0.43
N HIS E 111 -26.37 -0.83 1.46
CA HIS E 111 -26.58 0.53 1.94
C HIS E 111 -27.12 1.54 0.92
N VAL E 112 -27.84 1.05 -0.09
CA VAL E 112 -28.51 1.94 -1.04
C VAL E 112 -29.92 2.33 -0.61
N SER E 113 -30.16 3.64 -0.49
CA SER E 113 -31.52 4.21 -0.39
C SER E 113 -31.67 5.44 -1.31
N LEU E 114 -32.15 5.20 -2.54
CA LEU E 114 -32.14 6.21 -3.59
C LEU E 114 -33.53 6.47 -4.17
N PRO E 115 -33.81 7.72 -4.59
CA PRO E 115 -35.08 7.98 -5.27
C PRO E 115 -34.92 7.64 -6.72
N ILE E 116 -36.03 7.37 -7.38
CA ILE E 116 -36.08 6.94 -8.75
C ILE E 116 -36.89 7.98 -9.51
N TYR E 117 -36.33 8.52 -10.59
CA TYR E 117 -36.96 9.55 -11.38
C TYR E 117 -37.25 9.05 -12.80
N HIS E 118 -38.17 9.71 -13.49
CA HIS E 118 -38.53 9.31 -14.84
C HIS E 118 -37.30 9.47 -15.72
N GLY E 119 -37.08 8.51 -16.61
CA GLY E 119 -36.10 8.68 -17.69
C GLY E 119 -34.65 8.50 -17.30
N THR E 120 -33.76 8.49 -18.29
CA THR E 120 -32.32 8.25 -18.06
C THR E 120 -31.39 9.29 -18.72
N ASP E 121 -31.80 10.55 -18.70
CA ASP E 121 -31.00 11.62 -19.25
C ASP E 121 -29.91 12.00 -18.25
N SER E 122 -28.82 12.58 -18.75
CA SER E 122 -27.67 12.85 -17.92
C SER E 122 -27.99 13.63 -16.64
N ARG E 123 -28.88 14.60 -16.69
CA ARG E 123 -29.12 15.42 -15.49
C ARG E 123 -29.87 14.64 -14.43
N THR E 124 -30.73 13.74 -14.87
CA THR E 124 -31.52 12.95 -13.95
C THR E 124 -30.63 11.94 -13.24
N LEU E 125 -29.79 11.24 -14.00
CA LEU E 125 -28.87 10.26 -13.42
C LEU E 125 -27.89 10.87 -12.40
N THR E 126 -27.88 12.21 -12.34
CA THR E 126 -27.11 12.98 -11.36
C THR E 126 -27.82 13.06 -10.00
N GLU E 127 -29.13 12.91 -9.99
CA GLU E 127 -29.88 13.19 -8.76
C GLU E 127 -30.50 11.96 -8.12
N GLY E 128 -30.48 10.85 -8.86
CA GLY E 128 -31.01 9.60 -8.34
C GLY E 128 -30.98 8.51 -9.39
N VAL E 129 -31.75 7.46 -9.12
CA VAL E 129 -31.81 6.30 -9.99
C VAL E 129 -32.81 6.64 -11.06
N GLY E 130 -32.51 6.35 -12.32
CA GLY E 130 -33.39 6.77 -13.38
C GLY E 130 -34.13 5.60 -13.97
N HIS E 131 -35.45 5.71 -14.07
CA HIS E 131 -36.23 4.66 -14.71
C HIS E 131 -36.06 4.68 -16.24
N LEU E 132 -35.73 3.52 -16.81
CA LEU E 132 -35.48 3.43 -18.25
C LEU E 132 -36.79 3.46 -19.03
N PHE E 133 -36.90 4.47 -19.89
CA PHE E 133 -38.09 4.63 -20.71
C PHE E 133 -38.26 3.48 -21.70
N GLY E 134 -39.35 2.74 -21.59
CA GLY E 134 -39.62 1.64 -22.50
C GLY E 134 -39.81 0.34 -21.75
N THR E 135 -39.54 0.41 -20.46
CA THR E 135 -39.62 -0.75 -19.59
C THR E 135 -40.76 -0.51 -18.62
N SER E 136 -41.38 -1.58 -18.14
CA SER E 136 -42.55 -1.45 -17.29
C SER E 136 -42.26 -0.42 -16.21
N LEU E 137 -43.28 0.32 -15.78
CA LEU E 137 -43.10 1.17 -14.61
C LEU E 137 -42.94 0.26 -13.39
N PRO E 138 -42.31 0.77 -12.32
CA PRO E 138 -42.00 -0.09 -11.16
C PRO E 138 -43.18 -0.26 -10.22
N VAL E 139 -44.26 -0.90 -10.67
CA VAL E 139 -45.40 -1.20 -9.78
C VAL E 139 -45.62 -2.71 -9.59
N GLY E 140 -44.93 -3.52 -10.36
CA GLY E 140 -44.97 -4.96 -10.19
C GLY E 140 -46.09 -5.66 -10.94
N GLY E 141 -46.17 -6.98 -10.76
CA GLY E 141 -47.21 -7.78 -11.38
C GLY E 141 -46.77 -8.61 -12.57
N PRO E 142 -47.46 -9.74 -12.81
CA PRO E 142 -47.09 -10.74 -13.83
C PRO E 142 -46.77 -10.12 -15.19
N SER E 143 -45.93 -10.79 -15.96
CA SER E 143 -45.44 -10.27 -17.25
C SER E 143 -45.06 -8.82 -17.20
N THR E 144 -44.06 -8.52 -16.37
CA THR E 144 -43.63 -7.15 -16.15
C THR E 144 -42.11 -7.08 -15.95
N HIS E 145 -41.46 -6.06 -16.48
CA HIS E 145 -40.01 -5.94 -16.35
C HIS E 145 -39.55 -4.50 -16.36
N SER E 146 -39.33 -3.97 -15.16
CA SER E 146 -38.91 -2.60 -15.01
C SER E 146 -37.40 -2.59 -14.87
N VAL E 147 -36.74 -1.70 -15.59
CA VAL E 147 -35.29 -1.57 -15.54
C VAL E 147 -34.91 -0.23 -14.91
N LEU E 148 -34.10 -0.26 -13.86
CA LEU E 148 -33.69 0.94 -13.12
C LEU E 148 -32.20 1.20 -13.28
N THR E 149 -31.87 2.44 -13.63
CA THR E 149 -30.50 2.82 -13.99
C THR E 149 -29.80 3.70 -12.96
N GLY E 150 -28.54 3.36 -12.66
CA GLY E 150 -27.73 4.15 -11.73
C GLY E 150 -26.26 4.25 -12.10
N HIS E 151 -25.63 5.36 -11.76
CA HIS E 151 -24.22 5.57 -12.10
C HIS E 151 -23.29 4.69 -11.29
N THR E 152 -22.16 4.30 -11.89
CA THR E 152 -20.96 3.90 -11.13
C THR E 152 -19.86 4.85 -11.52
N GLY E 153 -19.30 5.55 -10.54
CA GLY E 153 -18.15 6.41 -10.77
C GLY E 153 -18.49 7.87 -10.68
N LEU E 154 -19.78 8.16 -10.58
CA LEU E 154 -20.24 9.54 -10.50
C LEU E 154 -19.51 10.19 -9.33
N SER E 155 -18.75 11.24 -9.63
CA SER E 155 -17.85 11.83 -8.67
C SER E 155 -18.57 12.37 -7.45
N THR E 156 -19.87 12.59 -7.62
CA THR E 156 -20.61 13.41 -6.67
C THR E 156 -21.60 12.62 -5.78
N ALA E 157 -21.81 11.35 -6.10
CA ALA E 157 -22.61 10.48 -5.24
C ALA E 157 -22.33 9.03 -5.53
N THR E 158 -22.56 8.21 -4.52
CA THR E 158 -22.30 6.77 -4.61
C THR E 158 -23.20 6.05 -5.63
N MET E 159 -24.47 6.44 -5.71
CA MET E 159 -25.37 5.81 -6.66
C MET E 159 -25.24 4.29 -6.59
N PHE E 160 -24.95 3.65 -7.74
CA PHE E 160 -24.84 2.19 -7.83
C PHE E 160 -23.41 1.65 -7.80
N ASP E 161 -22.46 2.43 -7.30
CA ASP E 161 -21.08 1.97 -7.19
C ASP E 161 -20.94 0.56 -6.61
N ASN E 162 -21.77 0.25 -5.61
CA ASN E 162 -21.60 -0.99 -4.87
C ASN E 162 -22.55 -2.08 -5.32
N LEU E 163 -23.08 -1.92 -6.52
CA LEU E 163 -24.00 -2.87 -7.08
C LEU E 163 -23.30 -4.21 -7.28
N ASN E 164 -21.98 -4.15 -7.44
CA ASN E 164 -21.22 -5.34 -7.79
C ASN E 164 -21.00 -6.25 -6.60
N GLN E 165 -21.44 -5.82 -5.42
CA GLN E 165 -21.32 -6.65 -4.23
C GLN E 165 -22.49 -7.59 -3.98
N LEU E 166 -23.57 -7.44 -4.73
CA LEU E 166 -24.76 -8.26 -4.49
C LEU E 166 -24.57 -9.72 -4.95
N LYS E 167 -25.24 -10.64 -4.27
CA LYS E 167 -25.22 -12.06 -4.64
C LYS E 167 -26.65 -12.57 -4.88
N LYS E 168 -26.76 -13.70 -5.57
CA LYS E 168 -28.06 -14.33 -5.72
C LYS E 168 -28.67 -14.51 -4.34
N GLY E 169 -29.98 -14.26 -4.24
CA GLY E 169 -30.67 -14.37 -2.98
C GLY E 169 -30.68 -13.07 -2.19
N ASP E 170 -29.80 -12.13 -2.58
CA ASP E 170 -29.83 -10.80 -1.96
C ASP E 170 -31.15 -10.11 -2.30
N VAL E 171 -31.58 -9.22 -1.40
CA VAL E 171 -32.93 -8.65 -1.47
C VAL E 171 -32.93 -7.14 -1.73
N PHE E 172 -33.90 -6.66 -2.51
CA PHE E 172 -34.15 -5.24 -2.60
C PHE E 172 -35.64 -4.90 -2.66
N TYR E 173 -36.00 -3.71 -2.16
CA TYR E 173 -37.39 -3.29 -2.12
C TYR E 173 -37.67 -2.08 -2.98
N VAL E 174 -38.66 -2.18 -3.87
CA VAL E 174 -39.05 -1.00 -4.63
C VAL E 174 -40.42 -0.49 -4.13
N SER E 175 -40.43 0.70 -3.52
CA SER E 175 -41.66 1.29 -2.99
C SER E 175 -42.20 2.38 -3.92
N SER E 176 -43.50 2.35 -4.17
CA SER E 176 -44.20 3.44 -4.87
C SER E 176 -45.71 3.33 -4.70
N LEU E 177 -46.37 4.48 -4.57
CA LEU E 177 -47.81 4.56 -4.68
C LEU E 177 -48.45 3.61 -3.68
N GLY E 178 -47.99 3.69 -2.44
CA GLY E 178 -48.62 3.03 -1.31
C GLY E 178 -48.29 1.57 -1.11
N GLN E 179 -47.48 1.02 -2.03
CA GLN E 179 -47.03 -0.38 -1.96
C GLN E 179 -45.51 -0.54 -2.06
N THR E 180 -44.97 -1.55 -1.37
CA THR E 180 -43.54 -1.84 -1.35
C THR E 180 -43.35 -3.20 -1.94
N LEU E 181 -42.62 -3.29 -3.05
CA LEU E 181 -42.37 -4.58 -3.71
C LEU E 181 -41.04 -5.19 -3.29
N LYS E 182 -41.06 -6.48 -2.94
CA LYS E 182 -39.86 -7.19 -2.56
C LYS E 182 -39.37 -8.01 -3.75
N TYR E 183 -38.09 -7.90 -4.06
CA TYR E 183 -37.44 -8.60 -5.15
C TYR E 183 -36.21 -9.27 -4.61
N GLU E 184 -35.87 -10.43 -5.16
CA GLU E 184 -34.76 -11.24 -4.69
C GLU E 184 -33.89 -11.51 -5.89
N VAL E 185 -32.62 -11.16 -5.78
CA VAL E 185 -31.69 -11.25 -6.90
C VAL E 185 -31.56 -12.70 -7.33
N ASN E 186 -31.54 -12.94 -8.63
CA ASN E 186 -31.40 -14.32 -9.09
C ASN E 186 -30.62 -14.42 -10.38
N ASP E 187 -29.94 -13.33 -10.73
CA ASP E 187 -29.13 -13.30 -11.93
C ASP E 187 -28.25 -12.04 -11.97
N ILE E 188 -26.95 -12.26 -12.11
CA ILE E 188 -25.98 -11.19 -12.28
C ILE E 188 -25.17 -11.45 -13.55
N THR E 189 -25.11 -10.46 -14.41
CA THR E 189 -24.52 -10.63 -15.72
C THR E 189 -23.71 -9.38 -16.03
N VAL E 190 -22.58 -9.56 -16.72
CA VAL E 190 -21.80 -8.44 -17.22
C VAL E 190 -21.77 -8.56 -18.72
N VAL E 191 -22.05 -7.43 -19.37
CA VAL E 191 -22.49 -7.46 -20.76
C VAL E 191 -21.95 -6.24 -21.47
N LYS E 192 -21.76 -6.31 -22.78
CA LYS E 192 -21.39 -5.13 -23.54
C LYS E 192 -22.62 -4.24 -23.75
N PRO E 193 -22.43 -2.91 -23.85
CA PRO E 193 -23.56 -1.96 -23.80
C PRO E 193 -24.68 -2.22 -24.82
N GLU E 194 -24.34 -2.89 -25.91
CA GLU E 194 -25.32 -3.22 -26.96
C GLU E 194 -26.22 -4.44 -26.63
N GLU E 195 -25.74 -5.31 -25.74
CA GLU E 195 -26.47 -6.54 -25.47
C GLU E 195 -27.64 -6.26 -24.53
N THR E 196 -28.86 -6.31 -25.08
CA THR E 196 -30.04 -5.75 -24.40
C THR E 196 -31.18 -6.76 -24.17
N ASP E 197 -31.07 -7.92 -24.79
CA ASP E 197 -32.13 -8.91 -24.79
C ASP E 197 -32.47 -9.47 -23.41
N SER E 198 -31.61 -9.22 -22.43
CA SER E 198 -31.89 -9.73 -21.09
C SER E 198 -32.70 -8.69 -20.32
N LEU E 199 -32.96 -7.57 -20.98
CA LEU E 199 -33.74 -6.48 -20.41
C LEU E 199 -35.22 -6.50 -20.83
N ARG E 200 -35.51 -7.20 -21.93
CA ARG E 200 -36.87 -7.25 -22.47
C ARG E 200 -37.87 -8.03 -21.59
N LYS E 201 -39.16 -7.71 -21.73
CA LYS E 201 -40.24 -8.29 -20.91
C LYS E 201 -40.28 -9.82 -20.99
N VAL E 202 -40.53 -10.48 -19.87
CA VAL E 202 -40.61 -11.93 -19.88
C VAL E 202 -41.97 -12.41 -19.40
N PRO E 203 -42.81 -12.91 -20.34
CA PRO E 203 -44.19 -13.27 -20.00
C PRO E 203 -44.27 -14.27 -18.86
N GLY E 204 -44.94 -13.87 -17.79
CA GLY E 204 -45.21 -14.78 -16.68
C GLY E 204 -44.41 -14.40 -15.45
N ARG E 205 -43.28 -13.72 -15.68
CA ARG E 205 -42.33 -13.32 -14.64
C ARG E 205 -42.45 -11.85 -14.24
N ASP E 206 -42.28 -11.57 -12.96
CA ASP E 206 -42.26 -10.21 -12.42
C ASP E 206 -40.81 -9.78 -12.07
N LEU E 207 -40.16 -9.02 -12.96
CA LEU E 207 -38.72 -8.76 -12.89
C LEU E 207 -38.32 -7.28 -12.77
N VAL E 208 -37.31 -7.02 -11.95
CA VAL E 208 -36.67 -5.71 -11.92
C VAL E 208 -35.16 -5.87 -12.05
N THR E 209 -34.61 -5.39 -13.15
CA THR E 209 -33.19 -5.43 -13.44
C THR E 209 -32.59 -4.08 -13.12
N LEU E 210 -31.58 -4.08 -12.25
CA LEU E 210 -30.87 -2.86 -11.89
C LEU E 210 -29.60 -2.80 -12.72
N ILE E 211 -29.34 -1.69 -13.42
CA ILE E 211 -28.22 -1.65 -14.34
C ILE E 211 -27.29 -0.49 -14.05
N THR E 212 -25.98 -0.73 -14.18
CA THR E 212 -24.97 0.34 -14.06
C THR E 212 -23.82 0.09 -15.00
N CYS E 213 -22.86 1.01 -15.00
CA CYS E 213 -21.66 0.88 -15.82
C CYS E 213 -20.56 0.23 -15.02
N THR E 214 -19.86 -0.71 -15.65
CA THR E 214 -18.82 -1.49 -14.98
C THR E 214 -17.68 -1.75 -15.97
N PRO E 215 -16.42 -1.97 -15.48
CA PRO E 215 -15.85 -1.86 -14.13
C PRO E 215 -15.65 -0.41 -13.73
N TYR E 216 -15.73 -0.14 -12.44
CA TYR E 216 -15.47 1.19 -11.92
C TYR E 216 -14.16 1.68 -12.54
N GLY E 217 -14.20 2.83 -13.22
CA GLY E 217 -12.98 3.42 -13.70
C GLY E 217 -12.77 3.25 -15.20
N VAL E 218 -13.34 2.19 -15.76
CA VAL E 218 -13.30 2.04 -17.22
C VAL E 218 -14.69 2.06 -17.89
N ASN E 219 -15.71 1.64 -17.15
CA ASN E 219 -17.10 1.77 -17.57
C ASN E 219 -17.38 1.32 -19.01
N SER E 220 -16.71 0.27 -19.44
CA SER E 220 -16.84 -0.21 -20.82
C SER E 220 -17.99 -1.20 -21.00
N HIS E 221 -18.38 -1.87 -19.91
CA HIS E 221 -19.46 -2.84 -19.99
C HIS E 221 -20.63 -2.37 -19.12
N ARG E 222 -21.63 -3.23 -18.95
CA ARG E 222 -22.69 -2.96 -18.00
C ARG E 222 -22.95 -4.19 -17.16
N LEU E 223 -23.22 -3.97 -15.88
CA LEU E 223 -23.53 -5.02 -14.93
C LEU E 223 -25.03 -5.00 -14.68
N LEU E 224 -25.75 -6.05 -15.09
CA LEU E 224 -27.19 -6.20 -14.84
C LEU E 224 -27.49 -7.11 -13.66
N VAL E 225 -28.10 -6.58 -12.61
CA VAL E 225 -28.50 -7.37 -11.46
C VAL E 225 -30.01 -7.50 -11.46
N THR E 226 -30.49 -8.66 -11.86
CA THR E 226 -31.92 -8.87 -12.03
C THR E 226 -32.52 -9.57 -10.82
N GLY E 227 -33.55 -8.96 -10.25
CA GLY E 227 -34.29 -9.62 -9.19
C GLY E 227 -35.64 -10.11 -9.69
N GLU E 228 -36.28 -10.99 -8.93
CA GLU E 228 -37.59 -11.52 -9.29
C GLU E 228 -38.51 -11.44 -8.10
N ARG E 229 -39.78 -11.09 -8.34
CA ARG E 229 -40.70 -10.76 -7.26
C ARG E 229 -40.90 -11.85 -6.22
N VAL E 230 -41.04 -11.45 -4.96
CA VAL E 230 -41.30 -12.43 -3.92
C VAL E 230 -42.22 -11.89 -2.83
N PRO E 231 -43.17 -12.74 -2.40
CA PRO E 231 -44.28 -12.57 -1.45
C PRO E 231 -44.09 -11.74 -0.14
N MET E 232 -43.33 -12.24 0.83
CA MET E 232 -43.29 -11.66 2.20
C MET E 232 -44.26 -12.38 3.18
CA CA F . 25.98 3.25 12.65
CA CA G . 4.28 -0.51 15.99
CA CA H . 60.38 9.42 -0.47
CA CA I . -46.54 17.85 19.27
#